data_3OP2
#
_entry.id   3OP2
#
_cell.length_a   117.550
_cell.length_b   117.550
_cell.length_c   123.210
_cell.angle_alpha   90.000
_cell.angle_beta   90.000
_cell.angle_gamma   90.000
#
_symmetry.space_group_name_H-M   'I 4'
#
loop_
_entity.id
_entity.type
_entity.pdbx_description
1 polymer 'Putative mandelate racemase'
2 non-polymer 'MAGNESIUM ION'
3 non-polymer '2-OXOGLUTARIC ACID'
4 non-polymer 'PHOSPHATE ION'
5 water water
#
_entity_poly.entity_id   1
_entity_poly.type   'polypeptide(L)'
_entity_poly.pdbx_seq_one_letter_code
;(MSE)SLKITEVKAHALSTPIPER(MSE)RVESGAGLKLNRQ(MSE)ILVEVRTDEGVTGVGSPSGPYDLAVLKRAIEDV
IGPQLIGEDPANINYLWHKVFHGEVSRNLGHRSVGIAA(MSE)SGVDIALWDLKGRA(MSE)NQPIYQLLGGKFHTRGVR
AYASSIYWDLTPDQAADELAGWVEQGFTAAKLKVGRAPRKDAANLRA(MSE)RQRVGADVEILVDANQSLGRHDALA
(MSE)LRILDEAGCYWFEEPLSIDDIEGHRILRAQGTPVRIATGENLYTRNAFNDYIRNDAIDVLQADASRAGGITEALA
ISASAASAHLAWNPHTFNDIITVAANLHLVAASPHPA(MSE)FEWDITHNDL(MSE)TRLASYDLKLENGLVQPPQGPGL
GFEIDWDFVAAHAWKGEPAIGAGHG(MSE)KKEGHHHHHH
;
_entity_poly.pdbx_strand_id   A,B
#
loop_
_chem_comp.id
_chem_comp.type
_chem_comp.name
_chem_comp.formula
AKG non-polymer '2-OXOGLUTARIC ACID' 'C5 H6 O5'
MG non-polymer 'MAGNESIUM ION' 'Mg 2'
PO4 non-polymer 'PHOSPHATE ION' 'O4 P -3'
#
# COMPACT_ATOMS: atom_id res chain seq x y z
N SER A 2 9.31 4.01 34.34
CA SER A 2 8.92 3.97 32.91
C SER A 2 7.63 4.78 32.70
N LEU A 3 7.44 5.28 31.49
CA LEU A 3 6.21 5.94 31.08
C LEU A 3 5.23 4.95 30.50
N LYS A 4 3.96 5.35 30.46
CA LYS A 4 2.91 4.62 29.78
C LYS A 4 2.16 5.58 28.88
N ILE A 5 1.87 5.17 27.65
CA ILE A 5 1.07 5.98 26.75
C ILE A 5 -0.39 6.00 27.24
N THR A 6 -0.98 7.20 27.29
CA THR A 6 -2.36 7.37 27.70
C THR A 6 -3.27 7.79 26.53
N GLU A 7 -2.71 8.48 25.53
CA GLU A 7 -3.51 9.02 24.43
C GLU A 7 -2.71 9.09 23.14
N VAL A 8 -3.39 8.83 22.03
CA VAL A 8 -2.81 9.01 20.70
C VAL A 8 -3.84 9.82 19.91
N LYS A 9 -3.53 11.08 19.67
CA LYS A 9 -4.45 11.97 18.97
C LYS A 9 -3.94 12.30 17.56
N ALA A 10 -4.88 12.63 16.69
CA ALA A 10 -4.57 13.06 15.34
C ALA A 10 -5.37 14.33 15.05
N HIS A 11 -4.71 15.46 15.22
CA HIS A 11 -5.30 16.77 14.94
C HIS A 11 -5.30 17.03 13.44
N ALA A 12 -6.49 17.03 12.85
CA ALA A 12 -6.63 17.35 11.43
C ALA A 12 -6.59 18.88 11.28
N LEU A 13 -5.67 19.34 10.43
CA LEU A 13 -5.44 20.78 10.26
C LEU A 13 -5.55 21.19 8.80
N SER A 14 -6.09 22.39 8.57
CA SER A 14 -6.34 22.87 7.21
C SER A 14 -6.18 24.39 7.15
N THR A 15 -5.38 24.89 6.19
CA THR A 15 -5.17 26.34 6.02
C THR A 15 -5.46 26.77 4.58
N PRO A 16 -6.24 27.85 4.40
CA PRO A 16 -6.66 28.24 3.05
C PRO A 16 -5.50 28.77 2.20
N ILE A 17 -5.48 28.38 0.93
CA ILE A 17 -4.49 28.89 -0.03
C ILE A 17 -5.04 30.21 -0.59
N PRO A 18 -4.30 31.32 -0.38
CA PRO A 18 -4.75 32.61 -0.89
C PRO A 18 -4.71 32.69 -2.42
N GLU A 19 -3.63 32.21 -3.03
CA GLU A 19 -3.48 32.32 -4.48
C GLU A 19 -4.42 31.38 -5.22
N ARG A 20 -4.80 31.78 -6.43
CA ARG A 20 -5.65 30.97 -7.30
C ARG A 20 -4.76 30.09 -8.18
N MSE A 21 -4.71 28.81 -7.84
CA MSE A 21 -3.87 27.87 -8.58
C MSE A 21 -4.64 26.62 -8.98
O MSE A 21 -5.17 25.91 -8.13
CB MSE A 21 -2.66 27.46 -7.75
CG MSE A 21 -1.64 28.56 -7.54
SE MSE A 21 -0.24 27.93 -6.34
CE MSE A 21 0.95 29.50 -6.41
N ARG A 22 -4.68 26.38 -10.28
CA ARG A 22 -5.28 25.16 -10.80
C ARG A 22 -4.32 23.99 -10.52
N VAL A 23 -4.88 22.79 -10.40
CA VAL A 23 -4.07 21.58 -10.26
C VAL A 23 -3.34 21.31 -11.59
N GLU A 24 -2.23 20.58 -11.52
CA GLU A 24 -1.37 20.29 -12.68
C GLU A 24 -2.15 19.82 -13.93
N SER A 25 -3.13 18.95 -13.72
CA SER A 25 -4.12 18.62 -14.73
C SER A 25 -5.36 18.04 -14.05
N GLY A 26 -6.52 18.53 -14.46
CA GLY A 26 -7.77 18.06 -13.86
C GLY A 26 -8.57 19.21 -13.25
N ALA A 27 -8.98 20.14 -14.12
CA ALA A 27 -9.91 21.23 -13.80
C ALA A 27 -10.37 21.28 -12.34
N GLY A 28 -9.48 21.75 -11.47
CA GLY A 28 -9.78 21.95 -10.05
C GLY A 28 -8.71 22.83 -9.42
N LEU A 29 -9.08 23.55 -8.37
CA LEU A 29 -8.14 24.44 -7.68
C LEU A 29 -7.51 23.79 -6.45
N LYS A 30 -6.28 24.20 -6.14
CA LYS A 30 -5.62 23.85 -4.89
C LYS A 30 -6.16 24.76 -3.80
N LEU A 31 -6.99 24.20 -2.92
CA LEU A 31 -7.80 24.99 -2.00
C LEU A 31 -7.17 25.26 -0.64
N ASN A 32 -6.62 24.20 -0.04
CA ASN A 32 -6.10 24.22 1.33
C ASN A 32 -4.81 23.42 1.43
N ARG A 33 -3.91 23.87 2.31
CA ARG A 33 -2.80 23.03 2.74
C ARG A 33 -3.27 22.28 3.98
N GLN A 34 -3.02 20.98 4.01
CA GLN A 34 -3.56 20.13 5.06
C GLN A 34 -2.51 19.20 5.66
N MSE A 35 -2.70 18.85 6.93
CA MSE A 35 -1.82 17.92 7.61
C MSE A 35 -2.53 17.33 8.81
O MSE A 35 -3.51 17.91 9.30
CB MSE A 35 -0.54 18.64 8.07
CG MSE A 35 -0.76 19.62 9.23
SE MSE A 35 0.87 20.34 10.00
CE MSE A 35 1.59 18.71 10.82
N ILE A 36 -2.04 16.18 9.26
CA ILE A 36 -2.37 15.65 10.57
C ILE A 36 -1.21 15.97 11.49
N LEU A 37 -1.50 16.55 12.64
CA LEU A 37 -0.51 16.64 13.69
C LEU A 37 -0.81 15.54 14.70
N VAL A 38 0.01 14.49 14.67
CA VAL A 38 -0.13 13.42 15.64
C VAL A 38 0.37 13.92 16.99
N GLU A 39 -0.37 13.56 18.05
CA GLU A 39 0.08 13.86 19.42
C GLU A 39 -0.04 12.62 20.28
N VAL A 40 1.12 12.17 20.78
CA VAL A 40 1.17 11.05 21.71
C VAL A 40 1.43 11.57 23.13
N ARG A 41 0.54 11.23 24.06
CA ARG A 41 0.66 11.66 25.43
C ARG A 41 0.96 10.49 26.37
N THR A 42 1.58 10.82 27.52
CA THR A 42 1.95 9.84 28.53
C THR A 42 1.44 10.21 29.92
N ASP A 43 1.41 9.19 30.78
CA ASP A 43 0.97 9.35 32.16
C ASP A 43 1.75 10.41 32.95
N GLU A 44 3.04 10.57 32.67
CA GLU A 44 3.82 11.60 33.35
C GLU A 44 3.93 12.93 32.58
N GLY A 45 3.08 13.10 31.57
CA GLY A 45 3.01 14.37 30.86
C GLY A 45 4.13 14.65 29.87
N VAL A 46 4.82 13.62 29.40
CA VAL A 46 5.81 13.80 28.31
C VAL A 46 5.13 13.55 26.97
N THR A 47 5.19 14.56 26.10
CA THR A 47 4.44 14.55 24.84
C THR A 47 5.37 14.55 23.62
N GLY A 48 4.98 13.80 22.60
CA GLY A 48 5.64 13.78 21.29
C GLY A 48 4.65 14.08 20.17
N VAL A 49 5.14 14.75 19.13
CA VAL A 49 4.32 15.09 17.96
C VAL A 49 4.90 14.56 16.68
N GLY A 50 4.05 14.28 15.71
CA GLY A 50 4.50 13.74 14.44
C GLY A 50 3.61 14.21 13.31
N SER A 51 4.00 13.88 12.09
CA SER A 51 3.16 14.14 10.91
C SER A 51 3.32 13.01 9.91
N PRO A 52 2.20 12.44 9.44
CA PRO A 52 2.22 11.40 8.41
C PRO A 52 2.16 11.97 6.98
N SER A 53 2.62 13.21 6.81
CA SER A 53 2.73 13.81 5.48
C SER A 53 1.36 13.98 4.81
N GLY A 54 1.37 14.03 3.48
CA GLY A 54 0.17 14.34 2.68
C GLY A 54 0.57 14.78 1.27
N PRO A 55 -0.43 15.07 0.40
CA PRO A 55 -1.88 15.07 0.62
C PRO A 55 -2.52 13.67 0.68
N TYR A 56 -3.20 13.39 1.80
CA TYR A 56 -4.03 12.20 1.96
C TYR A 56 -5.33 12.66 2.62
N ASP A 57 -6.37 11.84 2.51
CA ASP A 57 -7.66 12.15 3.14
C ASP A 57 -7.55 12.23 4.67
N LEU A 58 -7.87 13.40 5.22
CA LEU A 58 -7.65 13.67 6.64
C LEU A 58 -8.45 12.76 7.57
N ALA A 59 -9.67 12.41 7.15
CA ALA A 59 -10.53 11.52 7.93
C ALA A 59 -9.94 10.11 7.96
N VAL A 60 -9.46 9.63 6.81
CA VAL A 60 -8.81 8.31 6.71
C VAL A 60 -7.66 8.25 7.72
N LEU A 61 -6.81 9.28 7.72
CA LEU A 61 -5.64 9.30 8.58
C LEU A 61 -5.98 9.40 10.04
N LYS A 62 -6.92 10.29 10.38
CA LYS A 62 -7.35 10.46 11.78
C LYS A 62 -7.92 9.15 12.36
N ARG A 63 -8.75 8.46 11.57
CA ARG A 63 -9.34 7.21 11.97
C ARG A 63 -8.27 6.13 12.19
N ALA A 64 -7.36 5.99 11.22
CA ALA A 64 -6.28 5.02 11.32
C ALA A 64 -5.34 5.30 12.50
N ILE A 65 -4.98 6.55 12.72
CA ILE A 65 -4.10 6.90 13.84
C ILE A 65 -4.79 6.72 15.21
N GLU A 66 -5.98 7.30 15.37
CA GLU A 66 -6.66 7.29 16.65
C GLU A 66 -7.36 5.97 16.96
N ASP A 67 -7.88 5.30 15.94
CA ASP A 67 -8.79 4.19 16.22
C ASP A 67 -8.28 2.83 15.81
N VAL A 68 -7.18 2.80 15.07
CA VAL A 68 -6.58 1.53 14.67
C VAL A 68 -5.22 1.36 15.34
N ILE A 69 -4.36 2.37 15.26
CA ILE A 69 -3.04 2.26 15.88
C ILE A 69 -3.14 2.53 17.37
N GLY A 70 -3.85 3.62 17.70
CA GLY A 70 -3.95 4.13 19.08
C GLY A 70 -4.22 3.07 20.14
N PRO A 71 -5.29 2.25 19.96
CA PRO A 71 -5.66 1.20 20.90
C PRO A 71 -4.52 0.22 21.16
N GLN A 72 -3.64 0.04 20.19
CA GLN A 72 -2.55 -0.91 20.33
C GLN A 72 -1.41 -0.34 21.17
N LEU A 73 -1.44 0.97 21.42
CA LEU A 73 -0.37 1.64 22.15
C LEU A 73 -0.75 2.09 23.55
N ILE A 74 -2.04 2.29 23.80
CA ILE A 74 -2.47 2.83 25.09
C ILE A 74 -2.00 1.85 26.14
N GLY A 75 -1.29 2.38 27.14
CA GLY A 75 -0.78 1.55 28.24
C GLY A 75 0.64 1.06 28.02
N GLU A 76 1.11 1.13 26.78
CA GLU A 76 2.45 0.64 26.45
C GLU A 76 3.54 1.65 26.84
N ASP A 77 4.72 1.12 27.13
CA ASP A 77 5.92 1.94 27.35
C ASP A 77 6.41 2.49 26.00
N PRO A 78 6.44 3.81 25.86
CA PRO A 78 6.81 4.51 24.61
C PRO A 78 8.28 4.40 24.25
N ALA A 79 9.11 4.09 25.25
CA ALA A 79 10.55 3.95 25.08
C ALA A 79 10.94 2.81 24.12
N ASN A 80 10.10 1.78 24.04
CA ASN A 80 10.37 0.63 23.18
C ASN A 80 9.82 0.81 21.76
N ILE A 81 10.33 1.80 21.05
CA ILE A 81 9.82 2.13 19.72
C ILE A 81 9.92 0.93 18.80
N ASN A 82 11.05 0.23 18.87
CA ASN A 82 11.28 -0.93 18.01
C ASN A 82 10.24 -2.01 18.21
N TYR A 83 9.93 -2.30 19.47
CA TYR A 83 8.91 -3.28 19.80
C TYR A 83 7.54 -2.82 19.32
N LEU A 84 7.22 -1.55 19.55
CA LEU A 84 5.90 -1.01 19.17
C LEU A 84 5.68 -0.98 17.65
N TRP A 85 6.71 -0.57 16.93
CA TRP A 85 6.67 -0.53 15.48
C TRP A 85 6.25 -1.89 14.92
N HIS A 86 6.82 -2.95 15.47
CA HIS A 86 6.50 -4.31 15.06
C HIS A 86 5.21 -4.89 15.66
N LYS A 87 4.83 -4.46 16.86
CA LYS A 87 3.52 -4.82 17.43
C LYS A 87 2.39 -4.30 16.53
N VAL A 88 2.53 -3.07 16.06
CA VAL A 88 1.54 -2.46 15.17
C VAL A 88 1.60 -3.07 13.77
N PHE A 89 2.78 -3.08 13.18
CA PHE A 89 2.97 -3.47 11.78
C PHE A 89 2.56 -4.93 11.54
N HIS A 90 2.86 -5.80 12.49
CA HIS A 90 2.58 -7.22 12.33
C HIS A 90 1.28 -7.67 13.00
N GLY A 91 0.78 -6.83 13.90
CA GLY A 91 -0.47 -7.09 14.59
C GLY A 91 -1.70 -6.72 13.76
N GLU A 92 -1.71 -5.47 13.27
CA GLU A 92 -2.92 -4.89 12.65
C GLU A 92 -2.75 -4.27 11.26
N VAL A 93 -2.30 -3.01 11.19
CA VAL A 93 -2.34 -2.21 9.95
C VAL A 93 -1.68 -2.90 8.74
N SER A 94 -1.21 -4.13 8.96
CA SER A 94 -0.70 -4.98 7.90
C SER A 94 -1.87 -5.45 7.03
N ARG A 95 -2.72 -6.31 7.59
CA ARG A 95 -3.87 -6.87 6.87
C ARG A 95 -5.19 -6.43 7.48
N SER A 101 1.60 2.61 2.06
CA SER A 101 0.16 2.80 1.97
C SER A 101 -0.26 3.96 2.86
N VAL A 102 -1.56 4.09 3.10
CA VAL A 102 -2.07 5.04 4.10
C VAL A 102 -1.98 4.42 5.50
N GLY A 103 -1.76 3.10 5.55
CA GLY A 103 -1.51 2.37 6.79
C GLY A 103 -0.10 2.62 7.27
N ILE A 104 0.87 2.49 6.35
CA ILE A 104 2.27 2.86 6.60
C ILE A 104 2.38 4.36 6.87
N ALA A 105 1.61 5.16 6.15
CA ALA A 105 1.59 6.62 6.37
C ALA A 105 1.15 6.93 7.81
N ALA A 106 0.05 6.32 8.23
CA ALA A 106 -0.43 6.45 9.61
C ALA A 106 0.63 6.04 10.63
N MSE A 107 1.32 4.93 10.39
CA MSE A 107 2.39 4.48 11.28
C MSE A 107 3.55 5.48 11.34
O MSE A 107 4.13 5.69 12.40
CB MSE A 107 2.98 3.15 10.83
CG MSE A 107 2.08 1.96 10.90
SE MSE A 107 3.16 0.37 10.51
CE MSE A 107 1.82 -0.68 9.53
N SER A 108 3.87 6.06 10.20
CA SER A 108 4.99 6.98 10.07
C SER A 108 4.83 8.19 10.96
N GLY A 109 3.65 8.79 10.94
CA GLY A 109 3.36 9.94 11.81
C GLY A 109 3.46 9.58 13.28
N VAL A 110 2.98 8.38 13.64
CA VAL A 110 3.05 7.91 15.02
C VAL A 110 4.49 7.62 15.45
N ASP A 111 5.25 6.99 14.59
CA ASP A 111 6.64 6.68 14.88
C ASP A 111 7.47 7.96 15.10
N ILE A 112 7.27 8.97 14.25
CA ILE A 112 7.94 10.26 14.42
C ILE A 112 7.61 10.88 15.77
N ALA A 113 6.36 10.77 16.19
CA ALA A 113 5.93 11.28 17.49
C ALA A 113 6.59 10.51 18.63
N LEU A 114 6.83 9.21 18.44
CA LEU A 114 7.52 8.42 19.46
C LEU A 114 8.98 8.80 19.60
N TRP A 115 9.65 9.06 18.49
CA TRP A 115 11.02 9.56 18.49
C TRP A 115 11.11 10.96 19.09
N ASP A 116 10.17 11.84 18.75
CA ASP A 116 10.08 13.18 19.39
C ASP A 116 9.85 13.04 20.89
N LEU A 117 8.92 12.16 21.28
CA LEU A 117 8.69 11.89 22.69
C LEU A 117 9.99 11.44 23.39
N LYS A 118 10.71 10.51 22.76
CA LYS A 118 11.95 9.95 23.30
C LYS A 118 13.02 11.03 23.53
N GLY A 119 13.27 11.85 22.51
CA GLY A 119 14.25 12.92 22.59
C GLY A 119 13.89 13.95 23.66
N ARG A 120 12.60 14.22 23.78
CA ARG A 120 12.12 15.13 24.81
C ARG A 120 12.28 14.51 26.21
N ALA A 121 11.95 13.22 26.34
CA ALA A 121 12.13 12.49 27.59
C ALA A 121 13.58 12.57 28.05
N MSE A 122 14.51 12.45 27.10
CA MSE A 122 15.94 12.48 27.39
C MSE A 122 16.51 13.88 27.32
O MSE A 122 17.72 14.06 27.52
CB MSE A 122 16.71 11.63 26.40
CG MSE A 122 16.26 10.20 26.31
SE MSE A 122 17.42 9.27 25.06
CE MSE A 122 16.45 7.58 25.17
N ASN A 123 15.68 14.87 27.03
CA ASN A 123 16.11 16.24 26.81
C ASN A 123 17.24 16.36 25.77
N GLN A 124 17.08 15.67 24.64
CA GLN A 124 18.08 15.66 23.58
C GLN A 124 17.40 15.75 22.23
N PRO A 125 18.01 16.49 21.27
CA PRO A 125 17.55 16.43 19.88
C PRO A 125 17.76 15.04 19.27
N ILE A 126 16.82 14.61 18.44
CA ILE A 126 16.87 13.29 17.80
C ILE A 126 18.23 12.97 17.18
N TYR A 127 18.84 13.91 16.47
CA TYR A 127 20.13 13.61 15.84
C TYR A 127 21.20 13.16 16.85
N GLN A 128 21.09 13.59 18.11
CA GLN A 128 22.05 13.14 19.11
C GLN A 128 21.88 11.65 19.45
N LEU A 129 20.64 11.18 19.49
CA LEU A 129 20.32 9.77 19.70
C LEU A 129 20.89 8.89 18.60
N LEU A 130 20.88 9.41 17.38
CA LEU A 130 21.27 8.70 16.17
C LEU A 130 22.77 8.66 15.92
N GLY A 131 23.56 8.86 16.96
CA GLY A 131 25.00 8.92 16.83
C GLY A 131 25.58 10.31 16.64
N GLY A 132 24.73 11.34 16.75
CA GLY A 132 25.20 12.70 16.59
C GLY A 132 25.39 13.03 15.12
N LYS A 133 25.83 14.25 14.85
CA LYS A 133 26.02 14.74 13.48
C LYS A 133 27.11 14.02 12.72
N PHE A 134 26.84 13.76 11.44
CA PHE A 134 27.86 13.46 10.46
C PHE A 134 28.22 14.78 9.78
N HIS A 135 27.19 15.50 9.35
CA HIS A 135 27.33 16.78 8.67
C HIS A 135 27.39 17.90 9.71
N THR A 136 28.53 18.05 10.36
CA THR A 136 28.69 19.02 11.45
C THR A 136 28.55 20.50 11.01
N ARG A 137 29.00 20.81 9.79
CA ARG A 137 28.94 22.18 9.28
C ARG A 137 27.56 22.60 8.79
N GLY A 138 26.67 21.64 8.58
CA GLY A 138 25.36 21.90 8.02
C GLY A 138 25.05 20.99 6.85
N VAL A 139 23.80 21.03 6.41
CA VAL A 139 23.27 20.15 5.37
C VAL A 139 22.95 20.94 4.11
N ARG A 140 23.54 20.54 2.98
CA ARG A 140 23.29 21.21 1.70
C ARG A 140 21.83 21.07 1.26
N ALA A 141 21.19 22.21 1.02
CA ALA A 141 19.78 22.25 0.65
C ALA A 141 19.59 22.60 -0.83
N TYR A 142 18.46 22.16 -1.38
CA TYR A 142 18.03 22.62 -2.69
C TYR A 142 16.64 23.24 -2.65
N ALA A 143 16.39 24.20 -3.53
CA ALA A 143 15.10 24.88 -3.65
C ALA A 143 14.13 24.07 -4.48
N SER A 144 13.00 23.72 -3.90
CA SER A 144 11.99 22.90 -4.59
C SER A 144 10.61 23.57 -4.62
N SER A 145 10.08 23.85 -5.81
CA SER A 145 10.71 23.54 -7.10
C SER A 145 10.25 24.56 -8.14
N ILE A 146 11.01 24.65 -9.23
CA ILE A 146 10.64 25.52 -10.34
C ILE A 146 9.62 24.78 -11.21
N TYR A 147 8.51 25.45 -11.49
CA TYR A 147 7.44 24.91 -12.33
C TYR A 147 7.89 24.78 -13.80
N TRP A 148 7.31 23.81 -14.50
CA TRP A 148 7.79 23.44 -15.84
C TRP A 148 7.39 24.39 -16.96
N ASP A 149 6.12 24.81 -16.95
CA ASP A 149 5.48 25.49 -18.09
C ASP A 149 6.09 26.85 -18.41
N LEU A 150 7.09 27.24 -17.61
CA LEU A 150 7.75 28.53 -17.76
C LEU A 150 8.61 28.59 -19.01
N THR A 151 8.90 29.81 -19.42
CA THR A 151 9.75 30.11 -20.55
C THR A 151 11.19 30.05 -20.08
N PRO A 152 12.16 29.91 -21.01
CA PRO A 152 13.59 29.78 -20.66
C PRO A 152 14.11 30.86 -19.71
N ASP A 153 13.80 32.12 -20.01
CA ASP A 153 14.25 33.24 -19.19
C ASP A 153 13.54 33.27 -17.83
N GLN A 154 12.25 32.91 -17.80
CA GLN A 154 11.52 32.78 -16.52
C GLN A 154 12.08 31.66 -15.63
N ALA A 155 12.39 30.51 -16.23
CA ALA A 155 13.08 29.42 -15.53
C ALA A 155 14.46 29.87 -15.03
N ALA A 156 15.28 30.42 -15.93
CA ALA A 156 16.60 30.95 -15.57
C ALA A 156 16.51 32.04 -14.48
N ASP A 157 15.50 32.91 -14.56
CA ASP A 157 15.27 33.92 -13.53
C ASP A 157 14.97 33.32 -12.14
N GLU A 158 14.14 32.27 -12.08
CA GLU A 158 13.82 31.65 -10.78
C GLU A 158 15.07 31.03 -10.16
N LEU A 159 15.89 30.42 -11.00
CA LEU A 159 17.13 29.79 -10.59
C LEU A 159 18.15 30.82 -10.13
N ALA A 160 18.27 31.91 -10.91
CA ALA A 160 19.06 33.06 -10.50
C ALA A 160 18.58 33.57 -9.14
N GLY A 161 17.26 33.64 -8.97
CA GLY A 161 16.63 34.11 -7.74
C GLY A 161 16.93 33.25 -6.52
N TRP A 162 16.84 31.94 -6.67
CA TRP A 162 17.21 31.04 -5.58
C TRP A 162 18.71 31.06 -5.30
N VAL A 163 19.53 31.14 -6.34
CA VAL A 163 20.98 31.23 -6.16
C VAL A 163 21.33 32.49 -5.36
N GLU A 164 20.65 33.59 -5.70
CA GLU A 164 20.81 34.84 -4.99
C GLU A 164 20.46 34.73 -3.51
N GLN A 165 19.45 33.92 -3.19
CA GLN A 165 19.08 33.67 -1.79
C GLN A 165 20.11 32.83 -1.03
N GLY A 166 21.09 32.27 -1.75
CA GLY A 166 22.15 31.49 -1.13
C GLY A 166 22.11 29.99 -1.43
N PHE A 167 21.07 29.54 -2.13
CA PHE A 167 20.98 28.12 -2.55
C PHE A 167 22.09 27.77 -3.55
N THR A 168 22.68 26.59 -3.40
CA THR A 168 23.70 26.09 -4.33
C THR A 168 23.10 25.07 -5.32
N ALA A 169 21.79 24.87 -5.23
CA ALA A 169 21.08 23.86 -6.00
C ALA A 169 19.59 24.12 -6.01
N ALA A 170 18.94 23.77 -7.13
CA ALA A 170 17.49 23.88 -7.29
C ALA A 170 16.92 22.78 -8.19
N LYS A 171 15.64 22.47 -7.99
CA LYS A 171 14.95 21.44 -8.80
C LYS A 171 13.91 22.03 -9.76
N LEU A 172 13.96 21.55 -11.00
CA LEU A 172 13.01 21.95 -12.04
C LEU A 172 12.07 20.79 -12.44
N LYS A 173 10.78 21.10 -12.52
CA LYS A 173 9.80 20.18 -13.07
C LYS A 173 9.96 20.08 -14.57
N VAL A 174 9.88 18.85 -15.09
CA VAL A 174 10.07 18.56 -16.50
C VAL A 174 9.11 17.45 -16.91
N GLY A 175 9.09 17.13 -18.20
CA GLY A 175 8.37 15.96 -18.68
C GLY A 175 7.10 16.30 -19.44
N ARG A 176 6.52 17.45 -19.15
CA ARG A 176 5.24 17.83 -19.74
C ARG A 176 5.42 18.38 -21.17
N ALA A 177 6.54 19.03 -21.43
CA ALA A 177 6.86 19.51 -22.78
C ALA A 177 8.37 19.54 -23.01
N PRO A 178 8.97 18.37 -23.35
CA PRO A 178 10.42 18.16 -23.35
C PRO A 178 11.22 19.16 -24.17
N ARG A 179 10.59 19.79 -25.15
CA ARG A 179 11.25 20.79 -25.96
C ARG A 179 11.45 22.04 -25.12
N LYS A 180 10.43 22.41 -24.35
CA LYS A 180 10.53 23.52 -23.39
C LYS A 180 11.54 23.17 -22.30
N ASP A 181 11.42 21.97 -21.75
CA ASP A 181 12.33 21.50 -20.69
C ASP A 181 13.78 21.70 -21.13
N ALA A 182 14.09 21.24 -22.33
CA ALA A 182 15.40 21.34 -22.94
C ALA A 182 15.84 22.79 -23.10
N ALA A 183 14.92 23.64 -23.53
CA ALA A 183 15.20 25.07 -23.63
C ALA A 183 15.43 25.72 -22.26
N ASN A 184 14.62 25.33 -21.28
CA ASN A 184 14.78 25.86 -19.92
C ASN A 184 16.16 25.58 -19.32
N LEU A 185 16.64 24.35 -19.48
CA LEU A 185 17.93 23.93 -18.94
C LEU A 185 19.12 24.60 -19.61
N ARG A 186 19.04 24.80 -20.93
CA ARG A 186 20.10 25.48 -21.66
C ARG A 186 20.24 26.93 -21.19
N ALA A 187 19.09 27.58 -20.93
CA ALA A 187 19.06 28.97 -20.46
C ALA A 187 19.52 29.08 -19.00
N MSE A 188 19.11 28.11 -18.19
CA MSE A 188 19.51 28.02 -16.79
C MSE A 188 21.03 27.84 -16.63
O MSE A 188 21.68 28.63 -15.94
CB MSE A 188 18.77 26.87 -16.11
CG MSE A 188 17.34 27.22 -15.86
SE MSE A 188 16.19 25.69 -15.60
CE MSE A 188 16.33 25.52 -13.66
N ARG A 189 21.57 26.82 -17.28
CA ARG A 189 23.00 26.51 -17.25
C ARG A 189 23.83 27.67 -17.79
N GLN A 190 23.21 28.45 -18.67
CA GLN A 190 23.80 29.67 -19.21
C GLN A 190 23.83 30.79 -18.17
N ARG A 191 22.69 30.99 -17.51
CA ARG A 191 22.52 32.09 -16.56
CA ARG A 191 22.53 32.09 -16.56
C ARG A 191 23.46 31.96 -15.36
N VAL A 192 23.53 30.77 -14.78
CA VAL A 192 24.30 30.54 -13.54
C VAL A 192 25.65 29.80 -13.67
N GLY A 193 25.91 29.19 -14.82
CA GLY A 193 27.13 28.41 -15.00
C GLY A 193 27.09 27.03 -14.33
N ALA A 194 28.27 26.48 -14.07
CA ALA A 194 28.44 25.05 -13.76
C ALA A 194 28.47 24.65 -12.29
N ASP A 195 28.64 25.62 -11.39
CA ASP A 195 28.78 25.34 -9.96
C ASP A 195 27.45 25.05 -9.27
N VAL A 196 26.36 25.53 -9.87
CA VAL A 196 25.05 25.35 -9.28
C VAL A 196 24.51 24.00 -9.74
N GLU A 197 23.99 23.21 -8.81
CA GLU A 197 23.38 21.94 -9.19
C GLU A 197 21.95 22.17 -9.70
N ILE A 198 21.65 21.57 -10.83
CA ILE A 198 20.32 21.59 -11.39
C ILE A 198 19.77 20.16 -11.32
N LEU A 199 18.71 20.02 -10.54
CA LEU A 199 17.98 18.77 -10.41
C LEU A 199 16.72 18.86 -11.26
N VAL A 200 16.16 17.72 -11.61
CA VAL A 200 15.01 17.67 -12.50
C VAL A 200 14.02 16.63 -11.95
N ASP A 201 12.72 16.89 -12.05
CA ASP A 201 11.67 15.98 -11.52
C ASP A 201 10.59 15.79 -12.58
N ALA A 202 10.38 14.56 -13.02
CA ALA A 202 9.42 14.30 -14.10
C ALA A 202 8.04 13.86 -13.59
N ASN A 203 7.96 13.59 -12.30
CA ASN A 203 6.72 13.20 -11.65
C ASN A 203 6.04 12.01 -12.33
N GLN A 204 6.85 11.03 -12.76
CA GLN A 204 6.37 9.80 -13.39
C GLN A 204 5.66 10.02 -14.74
N SER A 205 5.90 11.16 -15.38
CA SER A 205 5.11 11.54 -16.57
C SER A 205 5.64 11.01 -17.91
N LEU A 206 6.73 10.23 -17.85
CA LEU A 206 7.35 9.74 -19.08
C LEU A 206 7.33 8.22 -19.18
N GLY A 207 7.20 7.75 -20.42
CA GLY A 207 7.47 6.35 -20.76
C GLY A 207 8.96 6.15 -20.98
N ARG A 208 9.37 4.90 -21.19
CA ARG A 208 10.80 4.57 -21.23
C ARG A 208 11.56 5.35 -22.30
N HIS A 209 10.98 5.42 -23.50
CA HIS A 209 11.67 5.97 -24.63
C HIS A 209 11.80 7.48 -24.57
N ASP A 210 10.73 8.16 -24.20
CA ASP A 210 10.79 9.60 -23.95
C ASP A 210 11.74 9.93 -22.81
N ALA A 211 11.78 9.06 -21.80
CA ALA A 211 12.73 9.26 -20.69
C ALA A 211 14.17 9.14 -21.16
N LEU A 212 14.44 8.19 -22.06
CA LEU A 212 15.76 8.00 -22.65
C LEU A 212 16.18 9.20 -23.49
N ALA A 213 15.23 9.76 -24.24
CA ALA A 213 15.47 11.00 -24.97
C ALA A 213 15.75 12.15 -24.01
N MSE A 214 14.92 12.29 -22.98
CA MSE A 214 15.11 13.29 -21.93
C MSE A 214 16.48 13.18 -21.25
O MSE A 214 17.18 14.19 -21.06
CB MSE A 214 14.00 13.18 -20.87
CG MSE A 214 14.15 14.16 -19.69
SE MSE A 214 13.65 16.00 -20.19
CE MSE A 214 15.33 16.72 -20.81
N LEU A 215 16.86 11.95 -20.89
CA LEU A 215 18.13 11.72 -20.22
C LEU A 215 19.31 12.33 -20.98
N ARG A 216 19.27 12.26 -22.32
CA ARG A 216 20.34 12.81 -23.14
C ARG A 216 20.47 14.33 -22.91
N ILE A 217 19.34 15.00 -22.78
CA ILE A 217 19.34 16.45 -22.60
C ILE A 217 19.83 16.78 -21.19
N LEU A 218 19.37 16.00 -20.21
CA LEU A 218 19.84 16.19 -18.85
C LEU A 218 21.36 16.02 -18.74
N ASP A 219 21.89 15.04 -19.48
CA ASP A 219 23.32 14.75 -19.49
C ASP A 219 24.05 15.97 -20.07
N GLU A 220 23.53 16.46 -21.19
CA GLU A 220 24.09 17.64 -21.86
C GLU A 220 24.14 18.86 -20.95
N ALA A 221 23.10 19.02 -20.13
CA ALA A 221 23.01 20.15 -19.21
C ALA A 221 23.67 19.85 -17.87
N GLY A 222 24.23 18.65 -17.74
CA GLY A 222 24.97 18.24 -16.54
C GLY A 222 24.13 18.24 -15.27
N CYS A 223 22.88 17.80 -15.39
CA CYS A 223 21.95 17.73 -14.27
C CYS A 223 22.40 16.73 -13.20
N TYR A 224 22.07 17.04 -11.95
CA TYR A 224 22.51 16.24 -10.81
C TYR A 224 21.71 14.93 -10.73
N TRP A 225 20.40 15.02 -10.81
CA TRP A 225 19.54 13.84 -10.88
C TRP A 225 18.32 14.02 -11.74
N PHE A 226 17.69 12.87 -12.01
CA PHE A 226 16.51 12.73 -12.82
C PHE A 226 15.54 12.00 -11.89
N GLU A 227 14.59 12.76 -11.34
CA GLU A 227 13.67 12.27 -10.30
C GLU A 227 12.35 11.78 -10.89
N GLU A 228 11.85 10.67 -10.36
CA GLU A 228 10.67 9.99 -10.90
C GLU A 228 10.55 10.10 -12.43
N PRO A 229 11.55 9.56 -13.16
CA PRO A 229 11.53 9.68 -14.61
C PRO A 229 10.39 8.86 -15.19
N LEU A 230 9.99 7.82 -14.47
CA LEU A 230 9.00 6.86 -14.94
C LEU A 230 8.03 6.48 -13.81
N SER A 231 6.95 5.80 -14.18
CA SER A 231 6.06 5.20 -13.20
C SER A 231 6.89 4.39 -12.21
N ILE A 232 6.60 4.57 -10.93
CA ILE A 232 7.29 3.84 -9.85
C ILE A 232 7.12 2.32 -9.94
N ASP A 233 6.23 1.86 -10.81
CA ASP A 233 6.00 0.44 -11.00
C ASP A 233 6.89 -0.17 -12.08
N ASP A 234 7.66 0.66 -12.78
CA ASP A 234 8.52 0.19 -13.86
C ASP A 234 10.00 0.18 -13.43
N ILE A 235 10.37 -0.80 -12.61
CA ILE A 235 11.74 -0.94 -12.10
C ILE A 235 12.77 -1.17 -13.22
N GLU A 236 12.41 -2.04 -14.17
CA GLU A 236 13.24 -2.34 -15.32
C GLU A 236 13.54 -1.08 -16.14
N GLY A 237 12.54 -0.23 -16.35
CA GLY A 237 12.75 1.05 -17.03
C GLY A 237 13.81 1.92 -16.37
N HIS A 238 13.77 1.99 -15.04
CA HIS A 238 14.79 2.71 -14.26
C HIS A 238 16.18 2.09 -14.43
N ARG A 239 16.26 0.75 -14.42
CA ARG A 239 17.51 0.05 -14.64
C ARG A 239 18.08 0.43 -16.01
N ILE A 240 17.24 0.42 -17.04
CA ILE A 240 17.64 0.82 -18.39
C ILE A 240 18.25 2.24 -18.39
N LEU A 241 17.57 3.18 -17.73
CA LEU A 241 18.06 4.57 -17.66
C LEU A 241 19.39 4.59 -16.96
N ARG A 242 19.47 3.95 -15.81
CA ARG A 242 20.73 3.87 -15.07
C ARG A 242 21.87 3.23 -15.88
N ALA A 243 21.52 2.22 -16.67
CA ALA A 243 22.52 1.47 -17.45
C ALA A 243 23.18 2.28 -18.56
N GLN A 244 22.64 3.46 -18.88
CA GLN A 244 23.23 4.28 -19.94
C GLN A 244 24.57 4.90 -19.49
N GLY A 245 24.81 4.85 -18.18
CA GLY A 245 26.08 5.31 -17.60
C GLY A 245 26.40 6.80 -17.71
N THR A 246 25.36 7.65 -17.67
CA THR A 246 25.59 9.09 -17.68
C THR A 246 25.91 9.52 -16.24
N PRO A 247 26.52 10.73 -16.08
CA PRO A 247 26.72 11.32 -14.76
C PRO A 247 25.45 11.80 -14.06
N VAL A 248 24.28 11.59 -14.67
CA VAL A 248 23.01 12.00 -14.07
C VAL A 248 22.44 10.88 -13.21
N ARG A 249 22.23 11.16 -11.92
CA ARG A 249 21.69 10.16 -11.00
C ARG A 249 20.22 9.90 -11.31
N ILE A 250 19.83 8.63 -11.25
CA ILE A 250 18.42 8.23 -11.32
C ILE A 250 17.84 8.22 -9.90
N ALA A 251 16.84 9.05 -9.66
CA ALA A 251 16.28 9.19 -8.32
C ALA A 251 14.81 8.87 -8.27
N THR A 252 14.38 8.19 -7.22
CA THR A 252 12.95 8.06 -6.98
C THR A 252 12.72 7.67 -5.53
N GLY A 253 11.47 7.80 -5.07
CA GLY A 253 11.11 7.24 -3.77
C GLY A 253 10.05 7.92 -2.92
N GLU A 254 9.64 9.14 -3.26
CA GLU A 254 8.62 9.84 -2.48
C GLU A 254 7.29 9.07 -2.41
N ASN A 255 7.05 8.24 -3.43
CA ASN A 255 5.83 7.45 -3.53
C ASN A 255 6.02 5.95 -3.25
N LEU A 256 7.18 5.58 -2.73
CA LEU A 256 7.41 4.21 -2.26
C LEU A 256 7.37 4.21 -0.73
N TYR A 257 6.74 3.21 -0.14
CA TYR A 257 6.43 3.25 1.29
C TYR A 257 7.07 2.13 2.10
N THR A 258 7.73 1.17 1.43
CA THR A 258 8.34 0.04 2.13
C THR A 258 9.80 -0.19 1.76
N ARG A 259 10.55 -0.75 2.72
CA ARG A 259 11.91 -1.25 2.51
C ARG A 259 11.93 -2.18 1.30
N ASN A 260 10.87 -2.96 1.15
CA ASN A 260 10.78 -3.97 0.12
C ASN A 260 10.82 -3.37 -1.29
N ALA A 261 10.08 -2.27 -1.48
CA ALA A 261 10.07 -1.56 -2.76
C ALA A 261 11.46 -1.01 -3.07
N PHE A 262 12.11 -0.41 -2.08
CA PHE A 262 13.47 0.10 -2.25
C PHE A 262 14.48 -1.03 -2.51
N ASN A 263 14.34 -2.13 -1.79
CA ASN A 263 15.17 -3.32 -2.01
C ASN A 263 15.06 -3.84 -3.45
N ASP A 264 13.83 -3.91 -3.94
CA ASP A 264 13.55 -4.28 -5.33
C ASP A 264 14.33 -3.39 -6.30
N TYR A 265 14.30 -2.08 -6.09
CA TYR A 265 15.08 -1.15 -6.94
C TYR A 265 16.59 -1.38 -6.86
N ILE A 266 17.09 -1.57 -5.64
CA ILE A 266 18.52 -1.84 -5.41
C ILE A 266 18.96 -3.14 -6.08
N ARG A 267 18.23 -4.23 -5.80
CA ARG A 267 18.51 -5.58 -6.34
C ARG A 267 18.62 -5.56 -7.86
N ASN A 268 17.86 -4.67 -8.47
CA ASN A 268 17.78 -4.60 -9.91
C ASN A 268 18.66 -3.52 -10.51
N ASP A 269 19.61 -2.98 -9.75
CA ASP A 269 20.54 -1.93 -10.25
C ASP A 269 19.79 -0.75 -10.89
N ALA A 270 18.69 -0.37 -10.25
CA ALA A 270 17.69 0.52 -10.87
C ALA A 270 17.64 1.93 -10.28
N ILE A 271 18.47 2.20 -9.28
CA ILE A 271 18.36 3.45 -8.54
C ILE A 271 19.74 3.99 -8.11
N ASP A 272 19.91 5.31 -8.13
CA ASP A 272 21.12 5.96 -7.60
C ASP A 272 20.84 6.69 -6.28
N VAL A 273 19.64 7.26 -6.20
CA VAL A 273 19.25 8.08 -5.07
C VAL A 273 17.86 7.61 -4.59
N LEU A 274 17.81 7.12 -3.37
CA LEU A 274 16.55 6.75 -2.73
C LEU A 274 16.02 7.97 -2.02
N GLN A 275 14.72 8.21 -2.18
CA GLN A 275 14.09 9.43 -1.69
C GLN A 275 12.95 9.14 -0.73
N ALA A 276 13.00 7.97 -0.09
CA ALA A 276 12.11 7.62 1.03
C ALA A 276 11.95 8.78 2.00
N ASP A 277 10.71 9.06 2.34
CA ASP A 277 10.36 10.16 3.23
C ASP A 277 10.03 9.54 4.58
N ALA A 278 10.72 9.99 5.63
CA ALA A 278 10.49 9.42 6.97
C ALA A 278 9.01 9.46 7.37
N SER A 279 8.30 10.50 6.90
CA SER A 279 6.90 10.71 7.24
C SER A 279 5.94 9.90 6.38
N ARG A 280 6.47 9.19 5.39
CA ARG A 280 5.69 8.38 4.47
C ARG A 280 6.10 6.90 4.49
N ALA A 281 7.40 6.66 4.68
CA ALA A 281 7.95 5.33 4.46
C ALA A 281 8.17 4.53 5.74
N GLY A 282 7.44 4.84 6.81
CA GLY A 282 7.50 4.02 8.03
C GLY A 282 8.16 4.64 9.24
N GLY A 283 8.33 5.95 9.24
CA GLY A 283 8.85 6.68 10.39
C GLY A 283 10.34 6.88 10.32
N ILE A 284 10.90 7.52 11.34
CA ILE A 284 12.34 7.58 11.51
C ILE A 284 12.91 6.15 11.60
N THR A 285 12.14 5.25 12.22
CA THR A 285 12.57 3.86 12.38
C THR A 285 12.89 3.16 11.03
N GLU A 286 11.97 3.24 10.07
CA GLU A 286 12.19 2.58 8.80
C GLU A 286 13.11 3.40 7.90
N ALA A 287 13.07 4.72 8.00
CA ALA A 287 13.99 5.56 7.23
C ALA A 287 15.46 5.32 7.60
N LEU A 288 15.71 5.06 8.87
CA LEU A 288 17.02 4.61 9.33
C LEU A 288 17.49 3.37 8.58
N ALA A 289 16.58 2.40 8.45
CA ALA A 289 16.90 1.14 7.75
C ALA A 289 17.08 1.34 6.26
N ILE A 290 16.26 2.20 5.67
CA ILE A 290 16.36 2.47 4.25
C ILE A 290 17.64 3.25 3.96
N SER A 291 17.95 4.24 4.79
CA SER A 291 19.19 4.97 4.65
C SER A 291 20.42 4.06 4.68
N ALA A 292 20.48 3.19 5.70
CA ALA A 292 21.59 2.24 5.85
C ALA A 292 21.74 1.32 4.63
N SER A 293 20.61 0.89 4.05
CA SER A 293 20.61 0.08 2.84
C SER A 293 21.16 0.83 1.64
N ALA A 294 20.83 2.12 1.52
CA ALA A 294 21.42 2.93 0.46
C ALA A 294 22.94 2.97 0.61
N ALA A 295 23.40 3.22 1.83
CA ALA A 295 24.82 3.34 2.14
C ALA A 295 25.56 2.05 1.86
N SER A 296 24.95 0.91 2.22
CA SER A 296 25.56 -0.41 2.03
C SER A 296 25.81 -0.70 0.55
N ALA A 297 24.89 -0.22 -0.30
CA ALA A 297 25.00 -0.38 -1.74
C ALA A 297 25.74 0.77 -2.43
N HIS A 298 26.38 1.64 -1.64
CA HIS A 298 27.09 2.84 -2.14
C HIS A 298 26.21 3.78 -2.97
N LEU A 299 24.93 3.83 -2.62
CA LEU A 299 23.98 4.74 -3.23
C LEU A 299 23.69 5.87 -2.24
N ALA A 300 22.92 6.87 -2.66
CA ALA A 300 22.54 7.98 -1.77
C ALA A 300 21.10 7.87 -1.29
N TRP A 301 20.84 8.40 -0.09
CA TRP A 301 19.49 8.58 0.38
C TRP A 301 19.29 10.07 0.65
N ASN A 302 18.49 10.71 -0.19
CA ASN A 302 18.19 12.13 -0.07
C ASN A 302 16.66 12.20 -0.02
N PRO A 303 16.07 12.27 1.19
CA PRO A 303 14.64 12.09 1.31
C PRO A 303 13.83 13.18 0.63
N HIS A 304 12.65 12.81 0.16
CA HIS A 304 11.58 13.77 -0.08
C HIS A 304 11.12 14.24 1.29
N THR A 305 10.89 15.54 1.46
CA THR A 305 10.58 16.12 2.79
C THR A 305 9.28 16.94 2.82
N PHE A 306 8.69 17.13 1.64
CA PHE A 306 7.68 18.12 1.30
C PHE A 306 6.30 17.85 1.91
N ASN A 307 5.96 18.60 2.96
CA ASN A 307 4.55 18.79 3.42
C ASN A 307 4.42 19.87 4.48
N ASP A 308 5.17 19.71 5.57
CA ASP A 308 5.11 20.63 6.70
C ASP A 308 6.44 20.61 7.45
N ILE A 309 6.57 21.50 8.42
CA ILE A 309 7.83 21.63 9.15
C ILE A 309 8.23 20.38 9.95
N ILE A 310 7.23 19.59 10.32
CA ILE A 310 7.50 18.38 11.07
C ILE A 310 8.07 17.29 10.18
N THR A 311 7.50 17.13 8.98
CA THR A 311 8.03 16.17 8.04
C THR A 311 9.45 16.57 7.65
N VAL A 312 9.67 17.87 7.48
CA VAL A 312 11.01 18.39 7.19
C VAL A 312 11.99 18.10 8.32
N ALA A 313 11.57 18.39 9.56
CA ALA A 313 12.48 18.30 10.69
C ALA A 313 12.84 16.85 10.99
N ALA A 314 11.87 15.96 10.87
CA ALA A 314 12.10 14.53 11.04
C ALA A 314 13.13 14.00 10.07
N ASN A 315 13.00 14.36 8.79
CA ASN A 315 13.98 13.98 7.79
C ASN A 315 15.35 14.58 8.03
N LEU A 316 15.38 15.86 8.37
CA LEU A 316 16.63 16.58 8.59
C LEU A 316 17.49 16.06 9.76
N HIS A 317 16.87 15.65 10.86
CA HIS A 317 17.62 15.02 11.96
C HIS A 317 18.37 13.78 11.49
N LEU A 318 17.70 12.97 10.67
CA LEU A 318 18.27 11.75 10.13
C LEU A 318 19.35 12.06 9.07
N VAL A 319 19.07 13.00 8.17
CA VAL A 319 20.05 13.41 7.17
C VAL A 319 21.33 13.90 7.82
N ALA A 320 21.20 14.65 8.92
CA ALA A 320 22.34 15.31 9.54
C ALA A 320 23.26 14.28 10.16
N ALA A 321 22.67 13.22 10.70
CA ALA A 321 23.44 12.14 11.31
C ALA A 321 23.96 11.10 10.31
N SER A 322 23.56 11.22 9.03
CA SER A 322 23.84 10.20 8.00
C SER A 322 25.05 10.56 7.11
N PRO A 323 25.72 9.54 6.52
CA PRO A 323 26.96 9.82 5.82
C PRO A 323 26.76 10.05 4.33
N HIS A 324 25.54 10.35 3.89
CA HIS A 324 25.28 10.56 2.47
C HIS A 324 25.69 11.97 2.06
N PRO A 325 26.12 12.15 0.81
CA PRO A 325 26.30 13.54 0.35
C PRO A 325 24.92 14.22 0.34
N ALA A 326 24.80 15.35 1.04
CA ALA A 326 23.49 15.97 1.28
C ALA A 326 22.92 16.64 0.04
N MSE A 327 21.63 16.44 -0.19
CA MSE A 327 20.90 17.17 -1.25
C MSE A 327 19.47 17.27 -0.75
O MSE A 327 18.60 16.51 -1.19
CB MSE A 327 21.00 16.45 -2.60
CG MSE A 327 20.41 17.26 -3.79
SE MSE A 327 21.14 19.07 -4.04
CE MSE A 327 22.84 18.64 -4.86
N PHE A 328 19.28 18.21 0.19
CA PHE A 328 18.11 18.22 1.06
C PHE A 328 17.01 19.15 0.53
N GLU A 329 15.84 18.55 0.28
CA GLU A 329 14.71 19.24 -0.30
C GLU A 329 14.15 20.30 0.63
N TRP A 330 14.16 21.54 0.14
CA TRP A 330 13.49 22.63 0.84
C TRP A 330 12.33 23.18 0.03
N ASP A 331 11.12 22.82 0.44
CA ASP A 331 9.86 23.33 -0.11
C ASP A 331 9.86 24.86 -0.02
N ILE A 332 9.98 25.53 -1.16
CA ILE A 332 10.08 26.99 -1.16
C ILE A 332 8.75 27.71 -1.48
N THR A 333 7.67 26.95 -1.64
CA THR A 333 6.34 27.54 -1.88
C THR A 333 5.75 28.14 -0.61
N HIS A 334 4.81 29.06 -0.79
CA HIS A 334 4.07 29.65 0.30
C HIS A 334 3.30 28.57 1.08
N ASN A 335 3.69 28.35 2.33
CA ASN A 335 3.14 27.27 3.15
C ASN A 335 3.25 27.61 4.64
N ASP A 336 2.10 27.85 5.26
CA ASP A 336 2.02 28.25 6.67
C ASP A 336 2.37 27.12 7.62
N LEU A 337 2.18 25.89 7.15
CA LEU A 337 2.56 24.72 7.93
C LEU A 337 4.09 24.58 7.96
N MSE A 338 4.78 25.33 7.10
CA MSE A 338 6.25 25.43 7.11
C MSE A 338 6.74 26.51 8.06
O MSE A 338 7.76 26.32 8.73
CB MSE A 338 6.79 25.71 5.71
CG MSE A 338 6.87 24.50 4.81
SE MSE A 338 8.13 23.15 5.54
CE MSE A 338 9.79 23.87 4.81
N THR A 339 6.01 27.64 8.12
CA THR A 339 6.50 28.82 8.82
C THR A 339 5.77 29.21 10.11
N ARG A 340 4.52 28.76 10.27
CA ARG A 340 3.73 29.19 11.41
C ARG A 340 3.32 28.10 12.41
N LEU A 341 3.62 26.84 12.11
CA LEU A 341 3.27 25.76 13.02
C LEU A 341 4.18 25.74 14.25
N ALA A 342 5.45 26.11 14.06
CA ALA A 342 6.47 25.95 15.10
C ALA A 342 7.51 27.08 15.13
N SER A 343 8.28 27.11 16.22
CA SER A 343 9.26 28.16 16.46
C SER A 343 10.58 27.99 15.68
N TYR A 344 10.59 27.08 14.69
CA TYR A 344 11.79 26.82 13.89
C TYR A 344 11.57 27.05 12.39
N ASP A 345 12.60 27.56 11.71
CA ASP A 345 12.51 27.97 10.30
C ASP A 345 13.79 27.77 9.48
N LEU A 346 13.70 28.08 8.18
CA LEU A 346 14.83 28.06 7.24
C LEU A 346 15.89 29.05 7.64
N LYS A 347 17.04 28.51 7.97
CA LYS A 347 18.21 29.33 8.13
C LYS A 347 19.19 28.78 7.13
N LEU A 348 19.25 29.43 5.99
CA LEU A 348 20.23 29.12 4.97
C LEU A 348 21.46 29.95 5.25
N GLU A 349 22.56 29.28 5.54
CA GLU A 349 23.84 29.95 5.74
C GLU A 349 24.90 29.18 4.96
N ASN A 350 25.47 29.84 3.95
CA ASN A 350 26.36 29.20 2.95
C ASN A 350 25.67 28.11 2.12
N GLY A 351 24.34 28.21 1.99
CA GLY A 351 23.57 27.21 1.27
C GLY A 351 23.28 25.96 2.07
N LEU A 352 23.45 26.05 3.39
CA LEU A 352 23.25 24.93 4.31
C LEU A 352 22.16 25.22 5.34
N VAL A 353 21.45 24.19 5.76
CA VAL A 353 20.57 24.24 6.94
C VAL A 353 21.19 23.45 8.11
N GLN A 354 20.71 23.69 9.33
CA GLN A 354 21.06 22.87 10.49
C GLN A 354 19.77 22.31 11.07
N PRO A 355 19.82 21.10 11.64
CA PRO A 355 18.64 20.65 12.36
C PRO A 355 18.35 21.50 13.60
N PRO A 356 17.07 21.53 14.05
CA PRO A 356 16.71 22.14 15.32
C PRO A 356 17.57 21.59 16.46
N GLN A 357 17.91 22.44 17.43
CA GLN A 357 18.80 22.07 18.54
C GLN A 357 18.10 21.71 19.84
N GLY A 358 16.79 21.91 19.89
CA GLY A 358 16.01 21.57 21.10
C GLY A 358 15.77 20.08 21.23
N PRO A 359 15.05 19.66 22.28
CA PRO A 359 14.78 18.24 22.53
C PRO A 359 13.84 17.63 21.49
N GLY A 360 14.05 16.34 21.17
CA GLY A 360 13.20 15.64 20.22
C GLY A 360 13.35 16.28 18.86
N LEU A 361 12.23 16.57 18.20
CA LEU A 361 12.26 17.26 16.91
C LEU A 361 12.91 18.64 17.03
N GLY A 362 12.88 19.22 18.23
CA GLY A 362 13.74 20.37 18.51
C GLY A 362 13.12 21.76 18.54
N PHE A 363 11.80 21.85 18.53
CA PHE A 363 11.13 23.15 18.62
C PHE A 363 9.83 23.00 19.38
N GLU A 364 9.15 24.13 19.61
CA GLU A 364 7.84 24.15 20.23
C GLU A 364 6.73 24.36 19.19
N ILE A 365 5.62 23.68 19.38
CA ILE A 365 4.44 23.87 18.55
C ILE A 365 3.69 25.13 19.00
N ASP A 366 3.18 25.88 18.03
CA ASP A 366 2.26 26.99 18.31
C ASP A 366 0.86 26.41 18.36
N TRP A 367 0.45 26.03 19.56
CA TRP A 367 -0.83 25.37 19.77
C TRP A 367 -2.05 26.27 19.52
N ASP A 368 -1.87 27.59 19.58
CA ASP A 368 -2.91 28.53 19.18
C ASP A 368 -3.17 28.45 17.70
N PHE A 369 -2.10 28.41 16.91
CA PHE A 369 -2.23 28.17 15.48
C PHE A 369 -3.00 26.87 15.19
N VAL A 370 -2.64 25.80 15.91
CA VAL A 370 -3.31 24.50 15.75
C VAL A 370 -4.82 24.57 16.01
N ALA A 371 -5.19 25.14 17.16
CA ALA A 371 -6.58 25.27 17.57
C ALA A 371 -7.41 26.10 16.57
N ALA A 372 -6.76 27.10 15.97
CA ALA A 372 -7.42 28.01 15.04
C ALA A 372 -7.51 27.46 13.62
N HIS A 373 -6.83 26.36 13.35
CA HIS A 373 -6.83 25.82 12.02
C HIS A 373 -7.32 24.37 11.98
N ALA A 374 -8.31 24.08 12.83
CA ALA A 374 -8.92 22.76 12.87
C ALA A 374 -9.72 22.52 11.60
N TRP A 375 -9.52 21.35 11.00
CA TRP A 375 -10.23 20.95 9.80
C TRP A 375 -11.72 20.88 10.06
N LYS A 376 -12.51 21.27 9.08
CA LYS A 376 -13.97 21.23 9.19
C LYS A 376 -14.62 20.59 7.95
N GLY A 377 -13.91 19.66 7.31
CA GLY A 377 -14.48 18.88 6.21
C GLY A 377 -14.02 19.21 4.80
N GLU A 378 -13.35 20.35 4.65
CA GLU A 378 -12.94 20.85 3.33
C GLU A 378 -11.88 19.96 2.70
N PRO A 379 -11.98 19.71 1.38
CA PRO A 379 -10.92 18.99 0.70
C PRO A 379 -9.76 19.94 0.36
N ALA A 380 -8.59 19.36 0.13
CA ALA A 380 -7.41 20.10 -0.30
C ALA A 380 -7.57 20.61 -1.73
N ILE A 381 -8.43 19.92 -2.50
CA ILE A 381 -8.69 20.22 -3.91
C ILE A 381 -10.19 20.29 -4.16
N SER B 2 -26.87 4.79 -22.75
CA SER B 2 -25.68 5.32 -22.02
C SER B 2 -26.08 5.74 -20.61
N LEU B 3 -25.52 5.06 -19.61
CA LEU B 3 -25.84 5.37 -18.22
C LEU B 3 -24.92 6.44 -17.64
N LYS B 4 -25.33 7.03 -16.53
CA LYS B 4 -24.44 7.85 -15.70
C LYS B 4 -24.51 7.42 -14.24
N ILE B 5 -23.36 7.41 -13.57
CA ILE B 5 -23.31 7.08 -12.14
C ILE B 5 -23.79 8.27 -11.32
N THR B 6 -24.72 8.00 -10.42
CA THR B 6 -25.30 9.03 -9.55
C THR B 6 -24.81 8.91 -8.11
N GLU B 7 -24.58 7.67 -7.65
CA GLU B 7 -24.15 7.43 -6.27
C GLU B 7 -23.14 6.30 -6.15
N VAL B 8 -22.19 6.48 -5.23
CA VAL B 8 -21.28 5.42 -4.82
C VAL B 8 -21.38 5.31 -3.30
N LYS B 9 -22.02 4.24 -2.86
CA LYS B 9 -22.26 3.99 -1.45
C LYS B 9 -21.44 2.82 -0.94
N ALA B 10 -21.08 2.87 0.35
CA ALA B 10 -20.34 1.79 1.01
C ALA B 10 -21.03 1.45 2.32
N HIS B 11 -21.67 0.28 2.36
CA HIS B 11 -22.42 -0.14 3.54
C HIS B 11 -21.56 -0.99 4.45
N ALA B 12 -21.28 -0.46 5.63
CA ALA B 12 -20.47 -1.16 6.64
C ALA B 12 -21.35 -2.19 7.37
N LEU B 13 -20.92 -3.45 7.31
CA LEU B 13 -21.65 -4.53 7.96
C LEU B 13 -20.71 -5.25 8.92
N SER B 14 -21.24 -5.67 10.06
CA SER B 14 -20.42 -6.36 11.07
C SER B 14 -21.29 -7.29 11.88
N THR B 15 -20.95 -8.57 11.84
CA THR B 15 -21.67 -9.60 12.58
C THR B 15 -20.69 -10.33 13.49
N PRO B 16 -20.95 -10.33 14.81
CA PRO B 16 -20.16 -11.08 15.80
C PRO B 16 -20.09 -12.59 15.52
N ILE B 17 -18.99 -13.20 15.89
CA ILE B 17 -18.83 -14.65 15.76
C ILE B 17 -19.20 -15.32 17.08
N PRO B 18 -20.10 -16.33 17.04
CA PRO B 18 -20.49 -17.07 18.25
C PRO B 18 -19.29 -17.65 19.00
N GLU B 19 -19.41 -17.68 20.33
CA GLU B 19 -18.31 -18.06 21.23
C GLU B 19 -17.70 -19.43 20.97
N ARG B 20 -18.55 -20.44 20.85
CA ARG B 20 -18.12 -21.82 20.65
C ARG B 20 -17.47 -22.05 19.28
N MSE B 21 -17.61 -21.08 18.38
CA MSE B 21 -17.07 -21.19 17.02
C MSE B 21 -15.67 -20.59 16.91
O MSE B 21 -14.84 -21.10 16.15
CB MSE B 21 -18.01 -20.53 16.00
CG MSE B 21 -19.47 -21.00 16.03
SE MSE B 21 -19.85 -22.73 15.22
CE MSE B 21 -21.75 -22.47 14.83
N ARG B 22 -15.42 -19.52 17.67
CA ARG B 22 -14.15 -18.76 17.60
C ARG B 22 -12.89 -19.60 17.71
N VAL B 23 -11.92 -19.33 16.83
CA VAL B 23 -10.67 -20.09 16.79
C VAL B 23 -9.54 -19.43 17.60
N LYS B 30 -10.63 -13.81 16.49
CA LYS B 30 -11.89 -13.73 15.74
C LYS B 30 -13.02 -13.15 16.59
N LEU B 31 -13.43 -11.92 16.28
CA LEU B 31 -14.51 -11.26 17.01
C LEU B 31 -15.76 -11.00 16.15
N ASN B 32 -15.56 -10.48 14.94
CA ASN B 32 -16.64 -10.14 14.01
C ASN B 32 -16.30 -10.47 12.57
N ARG B 33 -17.26 -10.98 11.81
CA ARG B 33 -17.12 -11.00 10.36
C ARG B 33 -17.63 -9.66 9.85
N GLN B 34 -16.76 -8.92 9.19
CA GLN B 34 -17.11 -7.60 8.68
C GLN B 34 -16.95 -7.54 7.16
N MSE B 35 -17.61 -6.56 6.55
CA MSE B 35 -17.42 -6.25 5.14
C MSE B 35 -17.93 -4.85 4.87
O MSE B 35 -18.64 -4.25 5.69
CB MSE B 35 -18.15 -7.25 4.23
CG MSE B 35 -19.66 -7.06 4.19
SE MSE B 35 -20.57 -8.37 3.06
CE MSE B 35 -20.20 -7.62 1.27
N ILE B 36 -17.55 -4.33 3.70
CA ILE B 36 -18.19 -3.20 3.09
C ILE B 36 -18.95 -3.73 1.88
N LEU B 37 -20.24 -3.46 1.83
CA LEU B 37 -21.00 -3.73 0.62
C LEU B 37 -21.05 -2.44 -0.18
N VAL B 38 -20.30 -2.42 -1.27
CA VAL B 38 -20.29 -1.28 -2.19
C VAL B 38 -21.55 -1.36 -3.02
N GLU B 39 -22.18 -0.21 -3.26
CA GLU B 39 -23.35 -0.11 -4.12
C GLU B 39 -23.12 1.07 -5.07
N VAL B 40 -23.09 0.78 -6.37
CA VAL B 40 -22.95 1.84 -7.36
C VAL B 40 -24.30 2.01 -8.05
N ARG B 41 -24.84 3.22 -7.96
CA ARG B 41 -26.15 3.50 -8.55
C ARG B 41 -26.03 4.40 -9.77
N THR B 42 -27.01 4.28 -10.67
CA THR B 42 -27.05 5.05 -11.91
C THR B 42 -28.37 5.79 -12.12
N ASP B 43 -28.34 6.81 -12.98
CA ASP B 43 -29.53 7.62 -13.29
C ASP B 43 -30.69 6.80 -13.83
N GLU B 44 -30.39 5.71 -14.55
CA GLU B 44 -31.46 4.89 -15.09
C GLU B 44 -31.87 3.68 -14.23
N GLY B 45 -31.29 3.59 -13.04
CA GLY B 45 -31.72 2.60 -12.05
C GLY B 45 -31.01 1.26 -12.11
N VAL B 46 -29.90 1.21 -12.84
CA VAL B 46 -29.10 -0.02 -12.88
C VAL B 46 -28.05 0.06 -11.78
N THR B 47 -28.02 -0.97 -10.95
CA THR B 47 -27.22 -0.97 -9.75
C THR B 47 -26.24 -2.14 -9.73
N GLY B 48 -25.02 -1.89 -9.24
CA GLY B 48 -24.01 -2.95 -9.09
C GLY B 48 -23.51 -2.95 -7.67
N VAL B 49 -23.11 -4.11 -7.18
CA VAL B 49 -22.53 -4.23 -5.84
C VAL B 49 -21.16 -4.90 -5.85
N GLY B 50 -20.37 -4.62 -4.81
CA GLY B 50 -19.02 -5.11 -4.69
C GLY B 50 -18.55 -5.20 -3.24
N SER B 51 -17.35 -5.75 -3.05
CA SER B 51 -16.79 -5.91 -1.71
C SER B 51 -15.29 -5.80 -1.80
N PRO B 52 -14.68 -4.92 -0.97
CA PRO B 52 -13.23 -4.78 -0.92
C PRO B 52 -12.56 -5.71 0.09
N SER B 53 -13.18 -6.84 0.38
CA SER B 53 -12.56 -7.85 1.24
C SER B 53 -12.41 -7.30 2.65
N GLY B 54 -11.53 -7.93 3.41
CA GLY B 54 -11.28 -7.59 4.80
C GLY B 54 -10.57 -8.71 5.51
N PRO B 55 -10.32 -8.55 6.83
CA PRO B 55 -10.76 -7.41 7.65
C PRO B 55 -9.83 -6.18 7.63
N TYR B 56 -10.39 -5.03 7.22
CA TYR B 56 -9.71 -3.74 7.26
C TYR B 56 -10.65 -2.83 8.01
N ASP B 57 -10.17 -1.69 8.52
CA ASP B 57 -11.06 -0.79 9.24
C ASP B 57 -12.21 -0.29 8.37
N LEU B 58 -13.44 -0.52 8.85
CA LEU B 58 -14.63 -0.26 8.06
C LEU B 58 -14.81 1.22 7.72
N ALA B 59 -14.49 2.08 8.68
CA ALA B 59 -14.65 3.53 8.52
C ALA B 59 -13.63 4.09 7.54
N VAL B 60 -12.40 3.58 7.60
CA VAL B 60 -11.36 3.90 6.59
C VAL B 60 -11.85 3.53 5.17
N LEU B 61 -12.32 2.30 4.99
CA LEU B 61 -12.87 1.86 3.72
C LEU B 61 -14.08 2.69 3.25
N LYS B 62 -15.05 2.85 4.14
CA LYS B 62 -16.25 3.62 3.83
C LYS B 62 -15.88 5.02 3.36
N ARG B 63 -14.95 5.66 4.06
CA ARG B 63 -14.51 7.02 3.71
C ARG B 63 -13.79 7.04 2.37
N ALA B 64 -12.89 6.07 2.14
CA ALA B 64 -12.15 5.98 0.88
C ALA B 64 -13.10 5.84 -0.31
N ILE B 65 -14.09 4.96 -0.17
CA ILE B 65 -14.99 4.63 -1.27
C ILE B 65 -15.98 5.77 -1.58
N GLU B 66 -16.66 6.27 -0.55
CA GLU B 66 -17.69 7.30 -0.75
C GLU B 66 -17.09 8.69 -1.00
N ASP B 67 -15.95 8.98 -0.38
CA ASP B 67 -15.43 10.35 -0.37
C ASP B 67 -14.13 10.60 -1.12
N VAL B 68 -13.42 9.54 -1.50
CA VAL B 68 -12.20 9.71 -2.30
C VAL B 68 -12.45 9.18 -3.73
N ILE B 69 -12.96 7.95 -3.83
CA ILE B 69 -13.22 7.34 -5.13
C ILE B 69 -14.53 7.85 -5.71
N GLY B 70 -15.57 7.85 -4.88
CA GLY B 70 -16.91 8.28 -5.27
C GLY B 70 -17.03 9.52 -6.13
N PRO B 71 -16.47 10.67 -5.69
CA PRO B 71 -16.57 11.89 -6.49
C PRO B 71 -15.92 11.78 -7.87
N GLN B 72 -14.95 10.88 -8.03
CA GLN B 72 -14.30 10.69 -9.34
C GLN B 72 -15.19 9.88 -10.28
N LEU B 73 -16.26 9.32 -9.75
CA LEU B 73 -17.16 8.48 -10.56
C LEU B 73 -18.51 9.12 -10.86
N ILE B 74 -18.95 10.04 -10.00
CA ILE B 74 -20.26 10.66 -10.17
C ILE B 74 -20.26 11.37 -11.52
N GLY B 75 -21.27 11.05 -12.32
CA GLY B 75 -21.45 11.66 -13.64
C GLY B 75 -20.83 10.85 -14.78
N GLU B 76 -20.02 9.86 -14.42
CA GLU B 76 -19.32 9.05 -15.43
C GLU B 76 -20.18 7.91 -15.97
N ASP B 77 -19.92 7.55 -17.22
CA ASP B 77 -20.53 6.39 -17.84
C ASP B 77 -19.86 5.15 -17.21
N PRO B 78 -20.66 4.31 -16.52
CA PRO B 78 -20.10 3.14 -15.82
C PRO B 78 -19.57 2.07 -16.77
N ALA B 79 -19.99 2.13 -18.02
CA ALA B 79 -19.59 1.18 -19.04
C ALA B 79 -18.08 1.14 -19.30
N ASN B 80 -17.42 2.30 -19.17
CA ASN B 80 -15.97 2.42 -19.37
C ASN B 80 -15.16 2.03 -18.14
N ILE B 81 -15.22 0.75 -17.77
CA ILE B 81 -14.54 0.27 -16.56
C ILE B 81 -13.02 0.41 -16.70
N ASN B 82 -12.49 0.08 -17.87
CA ASN B 82 -11.07 0.26 -18.11
C ASN B 82 -10.62 1.70 -17.89
N TYR B 83 -11.32 2.64 -18.51
CA TYR B 83 -11.02 4.05 -18.29
C TYR B 83 -11.11 4.44 -16.83
N LEU B 84 -12.21 4.07 -16.17
CA LEU B 84 -12.44 4.48 -14.78
C LEU B 84 -11.40 3.94 -13.79
N TRP B 85 -10.99 2.69 -13.98
CA TRP B 85 -9.94 2.11 -13.18
C TRP B 85 -8.69 2.98 -13.27
N HIS B 86 -8.29 3.32 -14.49
CA HIS B 86 -7.12 4.16 -14.67
CA HIS B 86 -7.13 4.21 -14.78
C HIS B 86 -7.34 5.61 -14.22
N LYS B 87 -8.55 6.13 -14.36
CA LYS B 87 -8.88 7.47 -13.87
C LYS B 87 -8.64 7.58 -12.36
N VAL B 88 -9.14 6.58 -11.63
CA VAL B 88 -9.02 6.58 -10.18
C VAL B 88 -7.57 6.35 -9.74
N PHE B 89 -6.91 5.35 -10.32
CA PHE B 89 -5.51 5.06 -10.00
C PHE B 89 -4.59 6.25 -10.23
N HIS B 90 -4.85 7.02 -11.28
CA HIS B 90 -4.11 8.26 -11.55
C HIS B 90 -4.92 9.50 -11.17
N GLY B 91 -5.97 9.28 -10.39
CA GLY B 91 -6.77 10.36 -9.86
C GLY B 91 -6.18 10.92 -8.57
N GLU B 92 -6.40 10.20 -7.46
CA GLU B 92 -6.07 10.69 -6.12
C GLU B 92 -5.50 9.65 -5.13
N VAL B 93 -5.86 8.37 -5.28
CA VAL B 93 -5.44 7.34 -4.31
C VAL B 93 -3.91 7.11 -4.24
N SER B 94 -3.21 7.38 -5.35
CA SER B 94 -1.79 7.06 -5.46
C SER B 94 -0.84 7.98 -4.67
N ARG B 95 -1.10 9.29 -4.71
CA ARG B 95 -0.28 10.27 -3.98
C ARG B 95 -1.01 10.88 -2.78
N SER B 101 -2.36 -2.36 -0.12
CA SER B 101 -2.87 -1.20 0.60
C SER B 101 -4.41 -1.21 0.71
N VAL B 102 -4.93 -0.45 1.66
CA VAL B 102 -6.36 -0.31 1.84
C VAL B 102 -6.98 0.49 0.67
N GLY B 103 -6.15 1.23 -0.06
CA GLY B 103 -6.59 2.03 -1.21
C GLY B 103 -6.88 1.17 -2.41
N ILE B 104 -5.96 0.25 -2.72
CA ILE B 104 -6.15 -0.73 -3.78
C ILE B 104 -7.35 -1.62 -3.43
N ALA B 105 -7.51 -1.92 -2.15
CA ALA B 105 -8.64 -2.71 -1.67
C ALA B 105 -9.94 -1.97 -1.97
N ALA B 106 -9.98 -0.69 -1.58
CA ALA B 106 -11.14 0.17 -1.80
C ALA B 106 -11.52 0.21 -3.28
N MSE B 107 -10.51 0.41 -4.13
CA MSE B 107 -10.67 0.39 -5.60
C MSE B 107 -11.25 -0.95 -6.07
O MSE B 107 -12.08 -0.98 -6.98
CB MSE B 107 -9.30 0.61 -6.29
CG MSE B 107 -8.77 2.05 -6.39
SE MSE B 107 -7.12 2.24 -7.18
CE MSE B 107 -7.31 1.34 -8.71
N SER B 108 -10.81 -2.04 -5.46
CA SER B 108 -11.22 -3.38 -5.88
C SER B 108 -12.71 -3.59 -5.72
N GLY B 109 -13.24 -3.17 -4.59
CA GLY B 109 -14.68 -3.29 -4.32
C GLY B 109 -15.52 -2.49 -5.30
N VAL B 110 -15.07 -1.28 -5.62
CA VAL B 110 -15.75 -0.44 -6.59
C VAL B 110 -15.70 -1.07 -7.97
N ASP B 111 -14.53 -1.59 -8.34
CA ASP B 111 -14.33 -2.24 -9.64
C ASP B 111 -15.27 -3.43 -9.83
N ILE B 112 -15.42 -4.25 -8.78
CA ILE B 112 -16.32 -5.42 -8.82
C ILE B 112 -17.75 -4.95 -9.04
N ALA B 113 -18.16 -3.94 -8.28
CA ALA B 113 -19.49 -3.33 -8.43
C ALA B 113 -19.74 -2.87 -9.86
N LEU B 114 -18.71 -2.30 -10.49
CA LEU B 114 -18.81 -1.85 -11.88
C LEU B 114 -19.00 -3.02 -12.82
N TRP B 115 -18.26 -4.11 -12.59
CA TRP B 115 -18.45 -5.34 -13.36
C TRP B 115 -19.84 -5.97 -13.12
N ASP B 116 -20.31 -5.96 -11.88
CA ASP B 116 -21.65 -6.45 -11.57
C ASP B 116 -22.70 -5.59 -12.29
N LEU B 117 -22.51 -4.28 -12.23
CA LEU B 117 -23.39 -3.35 -12.89
C LEU B 117 -23.43 -3.61 -14.41
N LYS B 118 -22.27 -3.90 -15.00
CA LYS B 118 -22.15 -4.17 -16.43
C LYS B 118 -22.88 -5.44 -16.84
N GLY B 119 -22.72 -6.50 -16.05
CA GLY B 119 -23.40 -7.78 -16.32
C GLY B 119 -24.91 -7.64 -16.20
N ARG B 120 -25.34 -6.86 -15.20
CA ARG B 120 -26.76 -6.62 -14.98
C ARG B 120 -27.38 -5.76 -16.09
N ALA B 121 -26.63 -4.77 -16.57
CA ALA B 121 -27.07 -3.94 -17.70
C ALA B 121 -27.25 -4.78 -18.97
N MSE B 122 -26.39 -5.79 -19.15
CA MSE B 122 -26.42 -6.65 -20.34
C MSE B 122 -27.25 -7.91 -20.12
O MSE B 122 -27.42 -8.69 -21.05
CB MSE B 122 -25.01 -7.09 -20.72
CG MSE B 122 -24.04 -5.98 -21.00
SE MSE B 122 -22.34 -6.69 -21.62
CE MSE B 122 -21.50 -4.96 -21.86
N ASN B 123 -27.70 -8.12 -18.89
CA ASN B 123 -28.42 -9.33 -18.49
C ASN B 123 -27.60 -10.61 -18.67
N GLN B 124 -26.32 -10.54 -18.34
CA GLN B 124 -25.45 -11.70 -18.45
C GLN B 124 -24.60 -11.87 -17.20
N PRO B 125 -24.32 -13.13 -16.81
CA PRO B 125 -23.32 -13.35 -15.76
C PRO B 125 -21.94 -12.89 -16.23
N ILE B 126 -21.11 -12.44 -15.29
CA ILE B 126 -19.76 -11.93 -15.58
C ILE B 126 -18.95 -12.91 -16.44
N TYR B 127 -18.98 -14.20 -16.09
CA TYR B 127 -18.17 -15.15 -16.83
C TYR B 127 -18.50 -15.19 -18.33
N GLN B 128 -19.73 -14.83 -18.70
CA GLN B 128 -20.10 -14.76 -20.14
C GLN B 128 -19.37 -13.65 -20.88
N LEU B 129 -19.12 -12.55 -20.18
CA LEU B 129 -18.43 -11.41 -20.77
C LEU B 129 -16.96 -11.72 -20.94
N LEU B 130 -16.44 -12.55 -20.03
CA LEU B 130 -15.02 -12.92 -20.02
C LEU B 130 -14.68 -14.04 -20.99
N GLY B 131 -15.57 -14.31 -21.95
CA GLY B 131 -15.34 -15.36 -22.94
C GLY B 131 -16.05 -16.66 -22.66
N GLY B 132 -16.86 -16.69 -21.61
CA GLY B 132 -17.58 -17.90 -21.25
C GLY B 132 -16.72 -18.82 -20.42
N LYS B 133 -17.30 -19.95 -20.03
CA LYS B 133 -16.63 -20.91 -19.18
C LYS B 133 -15.50 -21.61 -19.91
N PHE B 134 -14.39 -21.77 -19.20
CA PHE B 134 -13.40 -22.76 -19.57
C PHE B 134 -13.79 -24.07 -18.90
N HIS B 135 -14.01 -24.02 -17.58
CA HIS B 135 -14.35 -25.20 -16.78
C HIS B 135 -15.86 -25.41 -16.87
N THR B 136 -16.32 -25.98 -17.97
CA THR B 136 -17.74 -26.19 -18.16
C THR B 136 -18.35 -27.10 -17.09
N ARG B 137 -17.62 -28.15 -16.70
CA ARG B 137 -18.07 -29.11 -15.67
C ARG B 137 -18.26 -28.47 -14.30
N GLY B 138 -17.52 -27.39 -14.04
CA GLY B 138 -17.46 -26.77 -12.73
C GLY B 138 -16.02 -26.64 -12.24
N VAL B 139 -15.88 -26.08 -11.04
CA VAL B 139 -14.59 -25.71 -10.48
C VAL B 139 -14.30 -26.52 -9.21
N ARG B 140 -13.18 -27.21 -9.18
CA ARG B 140 -12.78 -27.96 -7.98
C ARG B 140 -12.55 -26.99 -6.81
N ALA B 141 -13.28 -27.24 -5.72
CA ALA B 141 -13.25 -26.42 -4.51
C ALA B 141 -12.50 -27.10 -3.38
N TYR B 142 -11.97 -26.29 -2.47
CA TYR B 142 -11.39 -26.85 -1.26
C TYR B 142 -11.99 -26.23 -0.03
N ALA B 143 -12.09 -27.03 1.03
CA ALA B 143 -12.67 -26.57 2.30
C ALA B 143 -11.65 -25.74 3.05
N SER B 144 -12.02 -24.49 3.31
CA SER B 144 -11.14 -23.54 3.96
C SER B 144 -11.73 -23.01 5.29
N SER B 145 -11.13 -23.30 6.45
CA SER B 145 -9.94 -24.14 6.61
C SER B 145 -10.06 -24.89 7.94
N ILE B 146 -9.24 -25.92 8.10
CA ILE B 146 -9.06 -26.58 9.38
C ILE B 146 -8.01 -25.78 10.15
N TYR B 147 -8.32 -25.38 11.38
CA TYR B 147 -7.48 -24.40 12.07
C TYR B 147 -6.49 -24.98 13.10
N TRP B 148 -5.75 -24.07 13.73
CA TRP B 148 -4.74 -24.40 14.75
C TRP B 148 -5.28 -25.20 15.92
N ASP B 149 -4.34 -25.80 16.64
CA ASP B 149 -4.56 -26.27 18.01
C ASP B 149 -5.47 -27.47 18.09
N LEU B 150 -5.38 -28.35 17.11
CA LEU B 150 -6.09 -29.60 17.14
C LEU B 150 -5.12 -30.75 17.36
N THR B 151 -5.63 -31.83 17.93
CA THR B 151 -4.88 -33.07 18.05
C THR B 151 -4.95 -33.77 16.69
N PRO B 152 -4.09 -34.77 16.46
CA PRO B 152 -4.12 -35.54 15.21
C PRO B 152 -5.50 -36.10 14.88
N ASP B 153 -6.17 -36.68 15.88
CA ASP B 153 -7.49 -37.29 15.68
C ASP B 153 -8.58 -36.28 15.33
N GLN B 154 -8.52 -35.09 15.93
CA GLN B 154 -9.50 -34.06 15.66
C GLN B 154 -9.28 -33.47 14.26
N ALA B 155 -8.02 -33.27 13.91
CA ALA B 155 -7.66 -32.79 12.58
C ALA B 155 -8.15 -33.76 11.49
N ALA B 156 -7.85 -35.04 11.69
CA ALA B 156 -8.27 -36.10 10.78
C ALA B 156 -9.80 -36.27 10.71
N ASP B 157 -10.48 -36.11 11.85
CA ASP B 157 -11.95 -36.14 11.90
C ASP B 157 -12.56 -35.01 11.09
N GLU B 158 -12.09 -33.80 11.32
CA GLU B 158 -12.64 -32.63 10.62
CA GLU B 158 -12.64 -32.64 10.62
C GLU B 158 -12.41 -32.78 9.13
N LEU B 159 -11.24 -33.27 8.74
CA LEU B 159 -10.95 -33.53 7.33
C LEU B 159 -11.90 -34.59 6.77
N ALA B 160 -12.04 -35.71 7.48
CA ALA B 160 -12.96 -36.77 7.02
C ALA B 160 -14.38 -36.21 6.89
N GLY B 161 -14.74 -35.31 7.81
CA GLY B 161 -16.02 -34.61 7.78
C GLY B 161 -16.21 -33.81 6.51
N TRP B 162 -15.19 -33.07 6.09
CA TRP B 162 -15.32 -32.30 4.84
C TRP B 162 -15.45 -33.20 3.61
N VAL B 163 -14.69 -34.28 3.58
CA VAL B 163 -14.73 -35.25 2.49
C VAL B 163 -16.13 -35.85 2.38
N GLU B 164 -16.66 -36.32 3.51
CA GLU B 164 -18.00 -36.87 3.57
C GLU B 164 -19.05 -35.87 3.03
N GLN B 165 -18.83 -34.59 3.28
CA GLN B 165 -19.72 -33.56 2.75
C GLN B 165 -19.53 -33.28 1.23
N GLY B 166 -18.52 -33.88 0.61
CA GLY B 166 -18.34 -33.79 -0.84
C GLY B 166 -17.07 -33.13 -1.38
N PHE B 167 -16.27 -32.54 -0.50
CA PHE B 167 -15.01 -31.88 -0.90
C PHE B 167 -13.95 -32.93 -1.23
N THR B 168 -13.09 -32.64 -2.21
CA THR B 168 -11.99 -33.52 -2.60
C THR B 168 -10.64 -32.91 -2.18
N ALA B 169 -10.70 -31.83 -1.40
CA ALA B 169 -9.52 -31.11 -0.95
C ALA B 169 -9.89 -30.24 0.22
N ALA B 170 -8.95 -30.06 1.14
CA ALA B 170 -9.11 -29.11 2.23
C ALA B 170 -7.76 -28.50 2.64
N LYS B 171 -7.80 -27.35 3.32
CA LYS B 171 -6.60 -26.68 3.82
C LYS B 171 -6.45 -26.75 5.34
N LEU B 172 -5.20 -26.89 5.79
CA LEU B 172 -4.83 -26.92 7.21
C LEU B 172 -3.91 -25.74 7.53
N LYS B 173 -4.24 -25.02 8.59
CA LYS B 173 -3.37 -23.97 9.11
C LYS B 173 -2.25 -24.60 9.92
N VAL B 174 -1.02 -24.16 9.67
CA VAL B 174 0.15 -24.72 10.32
C VAL B 174 1.08 -23.58 10.75
N GLY B 175 2.14 -23.94 11.48
CA GLY B 175 3.21 -22.99 11.74
C GLY B 175 3.40 -22.56 13.17
N ARG B 176 2.37 -22.75 14.00
CA ARG B 176 2.47 -22.43 15.42
C ARG B 176 3.24 -23.52 16.20
N ALA B 177 3.03 -24.79 15.82
CA ALA B 177 3.68 -25.91 16.48
C ALA B 177 3.99 -27.00 15.45
N PRO B 178 5.18 -26.90 14.80
CA PRO B 178 5.45 -27.72 13.62
C PRO B 178 5.48 -29.23 13.87
N ARG B 179 5.88 -29.65 15.07
CA ARG B 179 5.84 -31.06 15.41
C ARG B 179 4.41 -31.59 15.47
N LYS B 180 3.51 -30.78 16.04
CA LYS B 180 2.10 -31.13 16.04
C LYS B 180 1.50 -31.05 14.62
N ASP B 181 1.88 -30.02 13.86
CA ASP B 181 1.44 -29.91 12.44
C ASP B 181 1.72 -31.21 11.68
N ALA B 182 2.93 -31.73 11.86
CA ALA B 182 3.37 -32.98 11.24
C ALA B 182 2.56 -34.19 11.72
N ALA B 183 2.27 -34.25 13.02
CA ALA B 183 1.45 -35.33 13.56
C ALA B 183 0.06 -35.27 12.92
N ASN B 184 -0.48 -34.05 12.82
CA ASN B 184 -1.80 -33.83 12.22
C ASN B 184 -1.86 -34.29 10.78
N LEU B 185 -0.88 -33.85 9.98
CA LEU B 185 -0.80 -34.23 8.58
C LEU B 185 -0.75 -35.74 8.38
N ARG B 186 0.07 -36.43 9.17
CA ARG B 186 0.20 -37.89 9.08
C ARG B 186 -1.10 -38.63 9.40
N ALA B 187 -1.77 -38.20 10.46
CA ALA B 187 -3.10 -38.74 10.81
C ALA B 187 -4.10 -38.45 9.70
N MSE B 188 -4.07 -37.22 9.16
CA MSE B 188 -4.99 -36.83 8.06
C MSE B 188 -4.83 -37.68 6.81
O MSE B 188 -5.81 -38.27 6.34
CB MSE B 188 -4.81 -35.35 7.73
CG MSE B 188 -5.39 -34.46 8.77
SE MSE B 188 -4.67 -32.66 8.76
CE MSE B 188 -5.84 -31.83 7.47
N ARG B 189 -3.63 -37.74 6.27
CA ARG B 189 -3.34 -38.55 5.09
C ARG B 189 -3.76 -40.01 5.30
N GLN B 190 -3.38 -40.56 6.46
CA GLN B 190 -3.74 -41.94 6.82
C GLN B 190 -5.26 -42.17 6.80
N ARG B 191 -6.01 -41.23 7.37
CA ARG B 191 -7.47 -41.30 7.46
C ARG B 191 -8.14 -41.28 6.07
N VAL B 192 -7.72 -40.34 5.23
CA VAL B 192 -8.39 -40.09 3.93
C VAL B 192 -7.76 -40.75 2.71
N GLY B 193 -6.52 -41.20 2.82
CA GLY B 193 -5.82 -41.81 1.67
C GLY B 193 -5.35 -40.79 0.64
N ALA B 194 -4.89 -41.30 -0.50
CA ALA B 194 -4.16 -40.50 -1.48
C ALA B 194 -5.00 -39.64 -2.42
N ASP B 195 -6.31 -39.81 -2.39
CA ASP B 195 -7.18 -39.18 -3.37
C ASP B 195 -7.73 -37.81 -2.94
N VAL B 196 -7.38 -37.38 -1.74
CA VAL B 196 -7.86 -36.12 -1.22
C VAL B 196 -6.66 -35.18 -1.16
N GLU B 197 -6.83 -33.96 -1.66
CA GLU B 197 -5.73 -33.00 -1.63
C GLU B 197 -5.71 -32.32 -0.28
N ILE B 198 -4.53 -32.29 0.33
CA ILE B 198 -4.36 -31.59 1.59
C ILE B 198 -3.48 -30.39 1.36
N LEU B 199 -4.02 -29.21 1.62
CA LEU B 199 -3.31 -27.95 1.45
C LEU B 199 -2.88 -27.44 2.82
N VAL B 200 -1.81 -26.64 2.83
CA VAL B 200 -1.25 -26.14 4.06
C VAL B 200 -1.06 -24.60 3.99
N ASP B 201 -1.34 -23.90 5.09
CA ASP B 201 -1.20 -22.44 5.12
C ASP B 201 -0.49 -22.02 6.41
N ALA B 202 0.70 -21.44 6.28
CA ALA B 202 1.52 -21.08 7.44
C ALA B 202 1.40 -19.61 7.85
N ASN B 203 0.61 -18.84 7.08
CA ASN B 203 0.42 -17.42 7.34
C ASN B 203 1.69 -16.64 7.64
N GLN B 204 2.76 -16.89 6.89
CA GLN B 204 4.01 -16.15 7.01
C GLN B 204 4.76 -16.36 8.35
N SER B 205 4.39 -17.40 9.09
CA SER B 205 4.88 -17.56 10.46
C SER B 205 6.26 -18.23 10.61
N LEU B 206 6.84 -18.66 9.49
CA LEU B 206 8.10 -19.41 9.52
C LEU B 206 9.24 -18.61 8.92
N GLY B 207 10.43 -18.84 9.45
CA GLY B 207 11.66 -18.38 8.81
C GLY B 207 12.08 -19.39 7.74
N ARG B 208 13.13 -19.07 6.98
CA ARG B 208 13.54 -19.92 5.86
C ARG B 208 13.86 -21.36 6.28
N HIS B 209 14.53 -21.52 7.41
CA HIS B 209 15.03 -22.81 7.78
C HIS B 209 13.97 -23.71 8.40
N ASP B 210 13.05 -23.12 9.16
CA ASP B 210 11.88 -23.86 9.61
C ASP B 210 10.95 -24.17 8.46
N ALA B 211 10.89 -23.29 7.46
CA ALA B 211 10.03 -23.58 6.31
C ALA B 211 10.57 -24.79 5.54
N LEU B 212 11.89 -24.86 5.41
CA LEU B 212 12.55 -25.98 4.74
C LEU B 212 12.35 -27.30 5.47
N ALA B 213 12.38 -27.27 6.80
CA ALA B 213 12.12 -28.48 7.59
C ALA B 213 10.67 -28.92 7.41
N MSE B 214 9.76 -27.96 7.48
CA MSE B 214 8.34 -28.15 7.21
C MSE B 214 8.09 -28.73 5.81
O MSE B 214 7.29 -29.65 5.66
CB MSE B 214 7.60 -26.81 7.37
CG MSE B 214 6.09 -26.84 7.07
SE MSE B 214 4.99 -27.77 8.42
CE MSE B 214 5.10 -26.42 9.85
N LEU B 215 8.78 -28.19 4.78
CA LEU B 215 8.55 -28.64 3.40
C LEU B 215 8.84 -30.13 3.23
N ARG B 216 9.84 -30.63 3.97
CA ARG B 216 10.17 -32.05 3.94
C ARG B 216 9.00 -32.89 4.47
N ILE B 217 8.34 -32.38 5.51
CA ILE B 217 7.13 -33.03 6.05
C ILE B 217 5.98 -32.98 5.06
N LEU B 218 5.76 -31.80 4.47
CA LEU B 218 4.72 -31.65 3.43
C LEU B 218 4.91 -32.57 2.23
N ASP B 219 6.18 -32.72 1.84
CA ASP B 219 6.54 -33.59 0.72
C ASP B 219 6.20 -35.02 1.09
N GLU B 220 6.62 -35.45 2.28
CA GLU B 220 6.32 -36.79 2.71
C GLU B 220 4.80 -37.06 2.78
N ALA B 221 4.02 -36.07 3.23
CA ALA B 221 2.56 -36.24 3.31
C ALA B 221 1.84 -36.01 1.97
N GLY B 222 2.59 -35.63 0.95
CA GLY B 222 2.04 -35.41 -0.39
C GLY B 222 1.13 -34.20 -0.50
N CYS B 223 1.47 -33.13 0.22
CA CYS B 223 0.62 -31.91 0.22
C CYS B 223 0.58 -31.20 -1.14
N TYR B 224 -0.59 -30.64 -1.47
CA TYR B 224 -0.79 -29.98 -2.76
C TYR B 224 0.01 -28.68 -2.85
N TRP B 225 -0.10 -27.87 -1.80
CA TRP B 225 0.64 -26.61 -1.70
C TRP B 225 0.99 -26.17 -0.27
N PHE B 226 1.95 -25.28 -0.19
CA PHE B 226 2.48 -24.72 1.02
C PHE B 226 2.25 -23.22 0.86
N GLU B 227 1.23 -22.69 1.54
CA GLU B 227 0.75 -21.33 1.35
C GLU B 227 1.36 -20.37 2.37
N GLU B 228 1.72 -19.19 1.91
CA GLU B 228 2.46 -18.19 2.70
C GLU B 228 3.45 -18.81 3.67
N PRO B 229 4.45 -19.56 3.15
CA PRO B 229 5.40 -20.22 4.04
C PRO B 229 6.25 -19.22 4.84
N LEU B 230 6.46 -18.03 4.26
CA LEU B 230 7.38 -17.05 4.80
C LEU B 230 6.77 -15.65 4.70
N SER B 231 7.39 -14.68 5.35
CA SER B 231 7.07 -13.28 5.12
C SER B 231 6.97 -12.99 3.62
N ILE B 232 5.95 -12.23 3.22
CA ILE B 232 5.79 -11.81 1.82
C ILE B 232 6.95 -10.97 1.29
N ASP B 233 7.73 -10.39 2.19
CA ASP B 233 8.85 -9.55 1.78
C ASP B 233 10.05 -10.39 1.34
N ASP B 234 10.05 -11.68 1.69
CA ASP B 234 11.21 -12.52 1.44
C ASP B 234 11.01 -13.38 0.20
N ILE B 235 11.21 -12.75 -0.96
CA ILE B 235 11.03 -13.41 -2.25
C ILE B 235 12.06 -14.51 -2.43
N GLU B 236 13.29 -14.22 -2.05
CA GLU B 236 14.40 -15.14 -2.18
C GLU B 236 14.17 -16.44 -1.40
N GLY B 237 13.64 -16.32 -0.19
CA GLY B 237 13.29 -17.51 0.58
C GLY B 237 12.28 -18.37 -0.14
N HIS B 238 11.31 -17.74 -0.80
CA HIS B 238 10.33 -18.50 -1.59
C HIS B 238 11.00 -19.23 -2.76
N ARG B 239 11.99 -18.57 -3.37
CA ARG B 239 12.77 -19.16 -4.47
C ARG B 239 13.50 -20.41 -3.99
N ILE B 240 14.05 -20.31 -2.79
CA ILE B 240 14.76 -21.41 -2.16
C ILE B 240 13.87 -22.64 -1.95
N LEU B 241 12.68 -22.42 -1.40
CA LEU B 241 11.70 -23.50 -1.22
C LEU B 241 11.32 -24.14 -2.55
N ARG B 242 11.06 -23.30 -3.56
CA ARG B 242 10.63 -23.81 -4.86
C ARG B 242 11.77 -24.63 -5.47
N ALA B 243 12.99 -24.15 -5.29
CA ALA B 243 14.21 -24.77 -5.80
C ALA B 243 14.47 -26.20 -5.27
N GLN B 244 13.80 -26.57 -4.19
CA GLN B 244 13.97 -27.91 -3.62
C GLN B 244 13.41 -28.98 -4.54
N GLY B 245 12.57 -28.56 -5.49
CA GLY B 245 12.06 -29.45 -6.54
C GLY B 245 11.11 -30.54 -6.09
N THR B 246 10.39 -30.29 -4.99
CA THR B 246 9.35 -31.22 -4.53
C THR B 246 8.08 -31.03 -5.33
N PRO B 247 7.15 -32.01 -5.27
CA PRO B 247 5.87 -31.81 -5.93
C PRO B 247 4.89 -30.90 -5.15
N VAL B 248 5.33 -30.31 -4.05
CA VAL B 248 4.49 -29.40 -3.24
C VAL B 248 4.58 -28.00 -3.83
N ARG B 249 3.44 -27.40 -4.19
CA ARG B 249 3.46 -26.07 -4.78
C ARG B 249 3.73 -24.99 -3.73
N ILE B 250 4.60 -24.04 -4.08
CA ILE B 250 4.78 -22.85 -3.24
C ILE B 250 3.75 -21.79 -3.66
N ALA B 251 2.93 -21.39 -2.69
CA ALA B 251 1.81 -20.45 -2.92
C ALA B 251 1.85 -19.24 -2.00
N THR B 252 1.50 -18.09 -2.57
CA THR B 252 1.34 -16.86 -1.82
C THR B 252 0.52 -15.89 -2.66
N GLY B 253 -0.07 -14.89 -2.02
CA GLY B 253 -0.65 -13.80 -2.79
C GLY B 253 -1.78 -13.01 -2.15
N GLU B 254 -2.40 -13.56 -1.12
CA GLU B 254 -3.56 -12.92 -0.51
C GLU B 254 -3.23 -11.55 0.07
N ASN B 255 -1.95 -11.35 0.41
CA ASN B 255 -1.48 -10.12 1.01
C ASN B 255 -0.60 -9.32 0.04
N LEU B 256 -0.62 -9.70 -1.24
CA LEU B 256 0.04 -8.91 -2.29
C LEU B 256 -1.01 -8.10 -3.03
N TYR B 257 -0.68 -6.86 -3.36
CA TYR B 257 -1.71 -5.91 -3.84
C TYR B 257 -1.51 -5.36 -5.26
N THR B 258 -0.42 -5.75 -5.93
CA THR B 258 -0.10 -5.26 -7.29
C THR B 258 0.41 -6.35 -8.25
N ARG B 259 0.25 -6.12 -9.56
CA ARG B 259 0.95 -6.90 -10.60
C ARG B 259 2.47 -6.76 -10.43
N ASN B 260 2.88 -5.55 -10.07
CA ASN B 260 4.27 -5.16 -9.95
C ASN B 260 4.79 -5.49 -8.57
N ALA B 261 4.21 -6.56 -8.00
CA ALA B 261 4.70 -7.28 -6.81
C ALA B 261 4.63 -8.76 -7.14
N PHE B 262 3.59 -9.15 -7.87
CA PHE B 262 3.49 -10.53 -8.36
C PHE B 262 4.52 -10.80 -9.44
N ASN B 263 4.81 -9.80 -10.25
CA ASN B 263 5.86 -9.91 -11.27
C ASN B 263 7.21 -10.18 -10.63
N ASP B 264 7.46 -9.53 -9.50
CA ASP B 264 8.70 -9.71 -8.77
C ASP B 264 8.84 -11.15 -8.25
N TYR B 265 7.73 -11.75 -7.83
CA TYR B 265 7.71 -13.19 -7.54
C TYR B 265 7.99 -14.05 -8.78
N ILE B 266 7.30 -13.73 -9.88
CA ILE B 266 7.50 -14.47 -11.14
C ILE B 266 8.95 -14.39 -11.63
N ARG B 267 9.43 -13.16 -11.90
CA ARG B 267 10.79 -12.92 -12.39
C ARG B 267 11.82 -13.74 -11.63
N ASN B 268 11.61 -13.87 -10.32
CA ASN B 268 12.57 -14.52 -9.47
C ASN B 268 12.35 -16.03 -9.32
N ASP B 269 11.49 -16.62 -10.15
CA ASP B 269 11.20 -18.08 -10.05
C ASP B 269 10.81 -18.45 -8.62
N ALA B 270 9.95 -17.62 -8.01
CA ALA B 270 9.76 -17.71 -6.56
C ALA B 270 8.43 -18.35 -6.13
N ILE B 271 7.55 -18.60 -7.09
CA ILE B 271 6.17 -18.92 -6.75
C ILE B 271 5.68 -20.00 -7.72
N ASP B 272 4.79 -20.88 -7.25
CA ASP B 272 4.13 -21.85 -8.13
C ASP B 272 2.64 -21.47 -8.32
N VAL B 273 2.06 -20.88 -7.28
CA VAL B 273 0.66 -20.52 -7.31
C VAL B 273 0.51 -19.08 -6.82
N LEU B 274 -0.04 -18.23 -7.70
CA LEU B 274 -0.39 -16.85 -7.35
C LEU B 274 -1.79 -16.82 -6.79
N GLN B 275 -1.97 -16.16 -5.64
CA GLN B 275 -3.25 -16.16 -4.95
C GLN B 275 -3.89 -14.79 -4.87
N ALA B 276 -3.56 -13.90 -5.82
CA ALA B 276 -4.20 -12.61 -5.94
C ALA B 276 -5.70 -12.76 -5.84
N ASP B 277 -6.31 -11.93 -5.01
CA ASP B 277 -7.74 -11.92 -4.72
C ASP B 277 -8.32 -10.73 -5.48
N ALA B 278 -9.35 -10.95 -6.31
CA ALA B 278 -9.95 -9.87 -7.09
C ALA B 278 -10.47 -8.74 -6.21
N SER B 279 -10.88 -9.08 -4.99
CA SER B 279 -11.41 -8.10 -4.06
C SER B 279 -10.31 -7.36 -3.30
N ARG B 280 -9.05 -7.70 -3.56
CA ARG B 280 -7.93 -7.06 -2.87
C ARG B 280 -6.92 -6.44 -3.81
N ALA B 281 -6.71 -7.08 -4.95
CA ALA B 281 -5.59 -6.74 -5.81
C ALA B 281 -5.94 -5.82 -6.97
N GLY B 282 -7.05 -5.09 -6.88
CA GLY B 282 -7.43 -4.16 -7.94
C GLY B 282 -8.67 -4.52 -8.74
N GLY B 283 -9.48 -5.42 -8.21
CA GLY B 283 -10.76 -5.74 -8.83
C GLY B 283 -10.67 -6.87 -9.82
N ILE B 284 -11.80 -7.12 -10.48
CA ILE B 284 -11.85 -8.07 -11.57
C ILE B 284 -10.89 -7.65 -12.68
N THR B 285 -10.84 -6.35 -12.93
CA THR B 285 -9.98 -5.74 -13.94
C THR B 285 -8.50 -6.15 -13.77
N GLU B 286 -7.92 -5.90 -12.61
CA GLU B 286 -6.54 -6.27 -12.37
C GLU B 286 -6.35 -7.79 -12.19
N ALA B 287 -7.33 -8.47 -11.63
CA ALA B 287 -7.25 -9.92 -11.48
C ALA B 287 -7.14 -10.62 -12.85
N LEU B 288 -7.82 -10.05 -13.84
CA LEU B 288 -7.71 -10.56 -15.20
C LEU B 288 -6.28 -10.44 -15.69
N ALA B 289 -5.64 -9.31 -15.39
CA ALA B 289 -4.26 -9.06 -15.79
C ALA B 289 -3.31 -9.97 -15.03
N ILE B 290 -3.55 -10.15 -13.73
CA ILE B 290 -2.70 -11.02 -12.92
C ILE B 290 -2.84 -12.47 -13.32
N SER B 291 -4.06 -12.91 -13.57
CA SER B 291 -4.28 -14.27 -14.04
C SER B 291 -3.55 -14.57 -15.34
N ALA B 292 -3.62 -13.64 -16.30
CA ALA B 292 -2.96 -13.82 -17.61
C ALA B 292 -1.45 -13.86 -17.50
N SER B 293 -0.87 -13.04 -16.63
CA SER B 293 0.58 -13.02 -16.41
C SER B 293 1.06 -14.33 -15.78
N ALA B 294 0.21 -14.95 -14.97
CA ALA B 294 0.50 -16.26 -14.40
C ALA B 294 0.52 -17.33 -15.50
N ALA B 295 -0.52 -17.32 -16.32
CA ALA B 295 -0.62 -18.21 -17.47
C ALA B 295 0.58 -18.07 -18.40
N SER B 296 1.03 -16.83 -18.63
CA SER B 296 2.16 -16.54 -19.52
C SER B 296 3.42 -17.21 -19.03
N ALA B 297 3.54 -17.33 -17.70
CA ALA B 297 4.71 -17.90 -17.04
C ALA B 297 4.54 -19.36 -16.72
N HIS B 298 3.41 -19.94 -17.12
CA HIS B 298 3.07 -21.34 -16.84
C HIS B 298 2.99 -21.62 -15.34
N LEU B 299 2.40 -20.66 -14.62
CA LEU B 299 2.14 -20.77 -13.18
C LEU B 299 0.64 -20.68 -12.98
N ALA B 300 0.17 -21.20 -11.86
CA ALA B 300 -1.25 -21.21 -11.56
C ALA B 300 -1.69 -19.93 -10.85
N TRP B 301 -2.90 -19.49 -11.15
CA TRP B 301 -3.58 -18.49 -10.35
C TRP B 301 -4.81 -19.15 -9.75
N ASN B 302 -4.76 -19.31 -8.43
CA ASN B 302 -5.83 -19.89 -7.62
C ASN B 302 -6.04 -18.85 -6.52
N PRO B 303 -7.05 -17.96 -6.68
CA PRO B 303 -7.15 -16.78 -5.82
C PRO B 303 -7.52 -17.13 -4.38
N HIS B 304 -7.06 -16.30 -3.45
CA HIS B 304 -7.64 -16.19 -2.13
C HIS B 304 -9.03 -15.58 -2.37
N THR B 305 -10.04 -16.06 -1.65
CA THR B 305 -11.44 -15.63 -1.87
C THR B 305 -12.15 -15.29 -0.55
N PHE B 306 -11.47 -15.58 0.54
CA PHE B 306 -12.03 -15.61 1.91
C PHE B 306 -12.42 -14.23 2.43
N ASN B 307 -13.73 -13.97 2.45
CA ASN B 307 -14.32 -12.89 3.24
C ASN B 307 -15.84 -12.98 3.32
N ASP B 308 -16.47 -12.99 2.15
CA ASP B 308 -17.93 -13.00 2.05
C ASP B 308 -18.27 -13.60 0.69
N ILE B 309 -19.55 -13.71 0.40
CA ILE B 309 -20.02 -14.35 -0.83
C ILE B 309 -19.74 -13.50 -2.07
N ILE B 310 -19.58 -12.19 -1.87
CA ILE B 310 -19.27 -11.30 -3.00
C ILE B 310 -17.84 -11.48 -3.47
N THR B 311 -16.88 -11.51 -2.54
CA THR B 311 -15.48 -11.77 -2.88
C THR B 311 -15.34 -13.18 -3.50
N VAL B 312 -16.01 -14.16 -2.90
CA VAL B 312 -16.04 -15.51 -3.49
C VAL B 312 -16.57 -15.51 -4.94
N ALA B 313 -17.76 -14.92 -5.14
CA ALA B 313 -18.40 -14.85 -6.46
C ALA B 313 -17.55 -14.14 -7.51
N ALA B 314 -17.03 -12.96 -7.18
CA ALA B 314 -16.16 -12.20 -8.08
C ALA B 314 -15.01 -13.03 -8.61
N ASN B 315 -14.27 -13.67 -7.69
CA ASN B 315 -13.19 -14.58 -8.07
C ASN B 315 -13.68 -15.81 -8.83
N LEU B 316 -14.84 -16.35 -8.45
CA LEU B 316 -15.34 -17.54 -9.11
C LEU B 316 -15.71 -17.33 -10.59
N HIS B 317 -16.25 -16.16 -10.93
CA HIS B 317 -16.57 -15.89 -12.34
C HIS B 317 -15.30 -15.92 -13.19
N LEU B 318 -14.21 -15.33 -12.69
CA LEU B 318 -12.91 -15.37 -13.38
C LEU B 318 -12.30 -16.76 -13.43
N VAL B 319 -12.34 -17.47 -12.30
CA VAL B 319 -11.77 -18.83 -12.24
C VAL B 319 -12.43 -19.74 -13.26
N ALA B 320 -13.76 -19.65 -13.35
CA ALA B 320 -14.55 -20.53 -14.21
C ALA B 320 -14.18 -20.30 -15.68
N ALA B 321 -13.83 -19.06 -16.01
CA ALA B 321 -13.47 -18.62 -17.38
C ALA B 321 -12.00 -18.82 -17.74
N SER B 322 -11.16 -19.11 -16.74
CA SER B 322 -9.71 -19.21 -16.92
C SER B 322 -9.27 -20.65 -17.18
N PRO B 323 -8.12 -20.83 -17.84
CA PRO B 323 -7.66 -22.17 -18.17
C PRO B 323 -6.80 -22.80 -17.07
N HIS B 324 -6.61 -22.09 -15.97
CA HIS B 324 -5.79 -22.59 -14.85
C HIS B 324 -6.35 -23.88 -14.25
N PRO B 325 -5.47 -24.78 -13.77
CA PRO B 325 -6.01 -25.89 -12.99
C PRO B 325 -6.66 -25.32 -11.73
N ALA B 326 -7.91 -25.69 -11.48
CA ALA B 326 -8.67 -25.06 -10.39
C ALA B 326 -8.38 -25.66 -9.01
N MSE B 327 -8.23 -24.79 -8.01
CA MSE B 327 -8.17 -25.20 -6.61
C MSE B 327 -8.80 -24.07 -5.82
O MSE B 327 -8.11 -23.22 -5.26
CB MSE B 327 -6.72 -25.48 -6.19
CG MSE B 327 -6.54 -26.06 -4.75
SE MSE B 327 -7.67 -27.62 -4.36
CE MSE B 327 -6.80 -28.99 -5.42
N PHE B 328 -10.13 -24.06 -5.80
CA PHE B 328 -10.89 -22.88 -5.43
C PHE B 328 -11.25 -22.83 -3.94
N GLU B 329 -10.79 -21.79 -3.25
CA GLU B 329 -11.04 -21.63 -1.82
C GLU B 329 -12.52 -21.42 -1.52
N TRP B 330 -13.08 -22.32 -0.71
CA TRP B 330 -14.42 -22.14 -0.18
C TRP B 330 -14.41 -22.09 1.34
N ASP B 331 -14.67 -20.91 1.88
CA ASP B 331 -14.83 -20.65 3.31
C ASP B 331 -15.93 -21.54 3.87
N ILE B 332 -15.55 -22.43 4.79
CA ILE B 332 -16.55 -23.30 5.41
C ILE B 332 -16.83 -22.95 6.87
N THR B 333 -16.22 -21.86 7.35
CA THR B 333 -16.38 -21.43 8.73
C THR B 333 -17.78 -20.87 8.89
N HIS B 334 -18.19 -20.65 10.14
CA HIS B 334 -19.48 -20.02 10.41
C HIS B 334 -19.39 -18.56 9.97
N ASN B 335 -20.17 -18.21 8.95
CA ASN B 335 -20.10 -16.90 8.32
C ASN B 335 -21.42 -16.52 7.65
N ASP B 336 -22.18 -15.64 8.30
CA ASP B 336 -23.44 -15.13 7.77
C ASP B 336 -23.26 -14.36 6.47
N LEU B 337 -22.06 -13.81 6.27
CA LEU B 337 -21.72 -13.06 5.06
C LEU B 337 -21.55 -13.96 3.83
N MSE B 338 -21.44 -15.26 4.08
CA MSE B 338 -21.34 -16.29 3.05
C MSE B 338 -22.71 -16.85 2.70
O MSE B 338 -23.01 -17.08 1.53
CB MSE B 338 -20.45 -17.44 3.52
CG MSE B 338 -18.95 -17.22 3.39
SE MSE B 338 -18.45 -17.07 1.51
CE MSE B 338 -18.58 -18.95 1.00
N THR B 339 -23.54 -17.06 3.71
CA THR B 339 -24.75 -17.87 3.57
C THR B 339 -26.06 -17.08 3.57
N ARG B 340 -26.04 -15.91 4.19
CA ARG B 340 -27.27 -15.13 4.39
C ARG B 340 -27.35 -13.85 3.57
N LEU B 341 -26.20 -13.33 3.15
CA LEU B 341 -26.17 -12.10 2.37
C LEU B 341 -26.94 -12.19 1.03
N ALA B 342 -26.86 -13.34 0.37
CA ALA B 342 -27.39 -13.44 -0.98
C ALA B 342 -28.03 -14.80 -1.27
N SER B 343 -28.71 -14.88 -2.41
CA SER B 343 -29.53 -16.04 -2.77
C SER B 343 -28.74 -17.26 -3.27
N TYR B 344 -27.43 -17.10 -3.41
CA TYR B 344 -26.56 -18.15 -3.93
C TYR B 344 -25.81 -18.86 -2.79
N ASP B 345 -25.78 -20.21 -2.84
CA ASP B 345 -25.18 -21.03 -1.78
C ASP B 345 -24.15 -22.06 -2.31
N LEU B 346 -23.49 -22.77 -1.39
CA LEU B 346 -22.59 -23.86 -1.75
C LEU B 346 -23.36 -25.03 -2.30
N LYS B 347 -22.94 -25.51 -3.46
CA LYS B 347 -23.47 -26.75 -3.98
C LYS B 347 -22.39 -27.50 -4.72
N LEU B 348 -22.00 -28.63 -4.13
CA LEU B 348 -20.91 -29.44 -4.63
C LEU B 348 -21.44 -30.59 -5.46
N GLU B 349 -20.87 -30.77 -6.64
CA GLU B 349 -21.21 -31.93 -7.47
C GLU B 349 -19.89 -32.55 -7.92
N ASN B 350 -19.63 -33.76 -7.42
CA ASN B 350 -18.33 -34.44 -7.58
C ASN B 350 -17.13 -33.57 -7.22
N GLY B 351 -17.24 -32.82 -6.12
CA GLY B 351 -16.16 -31.97 -5.65
C GLY B 351 -16.13 -30.58 -6.28
N LEU B 352 -17.06 -30.32 -7.19
CA LEU B 352 -17.03 -29.11 -8.02
C LEU B 352 -18.15 -28.11 -7.70
N VAL B 353 -17.82 -26.82 -7.76
CA VAL B 353 -18.83 -25.75 -7.65
C VAL B 353 -19.04 -25.08 -9.01
N GLN B 354 -20.18 -24.44 -9.21
CA GLN B 354 -20.46 -23.68 -10.43
C GLN B 354 -20.73 -22.24 -10.04
N PRO B 355 -20.25 -21.25 -10.83
CA PRO B 355 -20.57 -19.84 -10.54
C PRO B 355 -22.08 -19.54 -10.65
N PRO B 356 -22.54 -18.41 -10.05
CA PRO B 356 -23.95 -18.10 -10.12
C PRO B 356 -24.32 -17.84 -11.58
N GLN B 357 -25.52 -18.21 -11.96
CA GLN B 357 -25.92 -18.05 -13.37
C GLN B 357 -26.78 -16.82 -13.67
N GLY B 358 -27.05 -15.98 -12.67
CA GLY B 358 -27.81 -14.75 -12.90
C GLY B 358 -26.98 -13.63 -13.53
N PRO B 359 -27.56 -12.43 -13.70
CA PRO B 359 -26.82 -11.30 -14.30
C PRO B 359 -25.76 -10.71 -13.35
N GLY B 360 -24.65 -10.23 -13.92
CA GLY B 360 -23.55 -9.68 -13.12
C GLY B 360 -22.95 -10.77 -12.24
N LEU B 361 -22.75 -10.47 -10.96
CA LEU B 361 -22.29 -11.50 -10.01
C LEU B 361 -23.24 -12.70 -9.96
N GLY B 362 -24.50 -12.47 -10.33
CA GLY B 362 -25.42 -13.57 -10.60
C GLY B 362 -26.41 -13.97 -9.52
N PHE B 363 -26.62 -13.11 -8.53
CA PHE B 363 -27.58 -13.39 -7.47
C PHE B 363 -28.20 -12.10 -6.98
N GLU B 364 -29.16 -12.21 -6.06
CA GLU B 364 -29.83 -11.05 -5.49
C GLU B 364 -29.38 -10.84 -4.04
N ILE B 365 -29.22 -9.58 -3.66
CA ILE B 365 -28.85 -9.22 -2.30
C ILE B 365 -30.10 -9.29 -1.40
N ASP B 366 -29.93 -9.91 -0.23
CA ASP B 366 -30.92 -9.84 0.84
C ASP B 366 -30.73 -8.53 1.59
N TRP B 367 -31.42 -7.49 1.12
CA TRP B 367 -31.28 -6.17 1.68
C TRP B 367 -31.86 -6.03 3.10
N ASP B 368 -32.76 -6.94 3.46
CA ASP B 368 -33.23 -7.02 4.84
C ASP B 368 -32.07 -7.42 5.74
N PHE B 369 -31.30 -8.42 5.30
CA PHE B 369 -30.11 -8.85 6.05
C PHE B 369 -29.13 -7.69 6.16
N VAL B 370 -28.92 -6.98 5.06
CA VAL B 370 -28.02 -5.83 5.02
C VAL B 370 -28.39 -4.84 6.12
N ALA B 371 -29.61 -4.31 6.08
CA ALA B 371 -30.07 -3.31 7.05
C ALA B 371 -30.01 -3.80 8.50
N ALA B 372 -30.15 -5.10 8.68
CA ALA B 372 -30.14 -5.73 10.01
C ALA B 372 -28.76 -5.77 10.66
N HIS B 373 -27.72 -5.53 9.87
CA HIS B 373 -26.36 -5.72 10.38
C HIS B 373 -25.41 -4.53 10.16
N ALA B 374 -25.97 -3.34 10.02
CA ALA B 374 -25.17 -2.12 9.92
C ALA B 374 -24.19 -2.04 11.07
N TRP B 375 -22.96 -1.64 10.76
CA TRP B 375 -21.90 -1.51 11.74
C TRP B 375 -22.20 -0.37 12.72
N LYS B 376 -21.95 -0.63 14.00
CA LYS B 376 -22.16 0.37 15.05
C LYS B 376 -20.86 0.79 15.74
N GLY B 377 -19.76 0.11 15.40
CA GLY B 377 -18.44 0.42 15.96
C GLY B 377 -17.58 -0.79 16.35
N GLU B 378 -18.09 -1.99 16.08
CA GLU B 378 -17.44 -3.27 16.42
C GLU B 378 -16.10 -3.48 15.70
N PRO B 379 -15.08 -3.99 16.43
CA PRO B 379 -13.81 -4.42 15.84
C PRO B 379 -13.72 -5.95 15.63
N ALA B 380 -12.67 -6.42 14.97
CA ALA B 380 -12.43 -7.86 14.78
C ALA B 380 -11.01 -8.27 15.16
MG MG C . 9.43 14.54 -6.56
C1 AKG D . 8.51 16.82 -4.88
O1 AKG D . 8.46 17.53 -3.86
O2 AKG D . 9.54 16.14 -5.16
C2 AKG D . 7.35 16.71 -5.75
O5 AKG D . 7.43 15.97 -6.73
C3 AKG D . 6.06 17.45 -5.49
C4 AKG D . 6.24 18.97 -5.56
C5 AKG D . 4.94 19.70 -5.86
O3 AKG D . 3.88 19.36 -5.30
O4 AKG D . 4.98 20.66 -6.66
MG MG E . -3.96 -17.82 3.58
P PO4 F . -7.13 -18.11 4.15
O1 PO4 F . -5.99 -18.27 3.16
O2 PO4 F . -6.72 -17.19 5.27
O3 PO4 F . -8.33 -17.55 3.45
O4 PO4 F . -7.51 -19.45 4.75
#